data_6XTT
#
_entry.id   6XTT
#
_entity_poly.entity_id   1
_entity_poly.type   'polypeptide(L)'
_entity_poly.pdbx_seq_one_letter_code
;MAHHHHHHVDDDDKMEDTANPNEMTKDAWLNSMTPLLPDLICKGFIQDPDLKKRFDEIKMTYEQCVTLIPESTKKCQDEL
YASMPDKINSETAGTWGRSLGECIGKDFAEKHLIPK
;
_entity_poly.pdbx_strand_id   B
#
# COMPACT_ATOMS: atom_id res chain seq x y z
N MET A 1 -10.41 41.68 -12.29
CA MET A 1 -9.76 42.92 -11.81
C MET A 1 -9.85 44.01 -12.87
N ALA A 2 -10.97 44.73 -12.88
CA ALA A 2 -11.18 45.82 -13.82
C ALA A 2 -12.08 46.88 -13.21
N HIS A 3 -12.30 46.78 -11.90
CA HIS A 3 -13.15 47.71 -11.17
C HIS A 3 -12.53 48.04 -9.82
N HIS A 4 -12.19 49.30 -9.61
CA HIS A 4 -11.56 49.70 -8.36
C HIS A 4 -12.52 50.50 -7.48
N HIS A 5 -13.21 51.47 -8.06
CA HIS A 5 -14.10 52.33 -7.32
C HIS A 5 -15.54 51.84 -7.40
N HIS A 6 -15.90 51.30 -8.55
CA HIS A 6 -17.26 50.86 -8.79
C HIS A 6 -17.35 49.34 -8.72
N HIS A 7 -17.87 48.82 -7.61
CA HIS A 7 -18.03 47.39 -7.45
C HIS A 7 -19.49 47.00 -7.49
N HIS A 8 -19.95 46.60 -8.65
CA HIS A 8 -21.34 46.19 -8.86
C HIS A 8 -21.38 44.77 -9.39
N VAL A 9 -20.76 43.86 -8.65
CA VAL A 9 -20.65 42.48 -9.08
C VAL A 9 -21.73 41.60 -8.44
N ASP A 10 -22.80 41.37 -9.18
CA ASP A 10 -23.87 40.50 -8.71
C ASP A 10 -23.44 39.06 -8.82
N ASP A 11 -22.52 38.82 -9.75
CA ASP A 11 -21.99 37.49 -9.97
C ASP A 11 -20.49 37.57 -10.23
N ASP A 12 -19.75 36.64 -9.65
CA ASP A 12 -18.31 36.53 -9.88
C ASP A 12 -17.83 35.21 -9.31
N ASP A 13 -16.59 34.83 -9.64
CA ASP A 13 -16.04 33.54 -9.22
C ASP A 13 -16.91 32.39 -9.70
N LYS A 14 -17.27 32.44 -10.97
CA LYS A 14 -18.15 31.44 -11.56
C LYS A 14 -17.33 30.28 -12.10
N MET A 15 -16.33 30.59 -12.90
CA MET A 15 -15.46 29.58 -13.48
C MET A 15 -14.14 29.53 -12.71
N GLU A 16 -14.01 30.42 -11.73
CA GLU A 16 -12.77 30.57 -10.98
C GLU A 16 -12.72 29.62 -9.78
N ASP A 17 -13.20 28.40 -9.96
CA ASP A 17 -13.17 27.39 -8.90
C ASP A 17 -13.26 25.99 -9.47
N THR A 18 -12.39 25.12 -8.99
CA THR A 18 -12.40 23.71 -9.36
C THR A 18 -11.73 22.90 -8.25
N ALA A 19 -12.49 22.01 -7.62
CA ALA A 19 -11.98 21.20 -6.54
C ALA A 19 -11.19 20.01 -7.06
N ASN A 20 -9.87 20.13 -7.05
CA ASN A 20 -9.01 19.03 -7.47
C ASN A 20 -8.47 18.30 -6.26
N PRO A 21 -8.39 16.97 -6.32
CA PRO A 21 -7.82 16.16 -5.23
C PRO A 21 -6.32 16.42 -5.08
N ASN A 22 -5.99 17.27 -4.10
CA ASN A 22 -4.59 17.57 -3.79
C ASN A 22 -3.89 16.31 -3.34
N GLU A 23 -4.45 15.67 -2.32
CA GLU A 23 -4.00 14.37 -1.88
C GLU A 23 -5.16 13.38 -1.91
N MET A 24 -4.91 12.17 -1.45
CA MET A 24 -5.92 11.13 -1.50
C MET A 24 -6.49 10.88 -0.11
N THR A 25 -7.79 10.65 -0.04
CA THR A 25 -8.46 10.36 1.21
C THR A 25 -8.01 9.00 1.74
N LYS A 26 -8.27 8.70 3.00
CA LYS A 26 -7.85 7.44 3.59
C LYS A 26 -8.38 6.25 2.78
N ASP A 27 -9.58 6.39 2.24
CA ASP A 27 -10.19 5.32 1.46
C ASP A 27 -9.56 5.23 0.07
N ALA A 28 -9.43 6.39 -0.57
CA ALA A 28 -8.87 6.45 -1.92
C ALA A 28 -7.40 6.01 -1.91
N TRP A 29 -6.70 6.36 -0.84
CA TRP A 29 -5.32 5.97 -0.67
C TRP A 29 -5.21 4.45 -0.64
N LEU A 30 -6.00 3.83 0.23
CA LEU A 30 -6.04 2.39 0.35
C LEU A 30 -6.34 1.76 -1.01
N ASN A 31 -7.32 2.32 -1.69
CA ASN A 31 -7.76 1.81 -2.99
C ASN A 31 -6.61 1.81 -3.99
N SER A 32 -5.83 2.89 -4.00
CA SER A 32 -4.72 3.02 -4.94
C SER A 32 -3.41 2.47 -4.36
N MET A 33 -3.47 1.90 -3.16
CA MET A 33 -2.25 1.43 -2.51
C MET A 33 -2.24 -0.10 -2.41
N THR A 34 -3.38 -0.67 -2.04
CA THR A 34 -3.48 -2.10 -1.77
C THR A 34 -2.92 -2.99 -2.90
N PRO A 35 -3.32 -2.79 -4.17
CA PRO A 35 -2.91 -3.68 -5.25
C PRO A 35 -1.50 -3.40 -5.76
N LEU A 36 -0.88 -2.35 -5.23
CA LEU A 36 0.49 -2.01 -5.60
C LEU A 36 1.46 -2.61 -4.59
N LEU A 37 0.92 -3.05 -3.47
CA LEU A 37 1.72 -3.65 -2.41
C LEU A 37 2.32 -4.99 -2.86
N PRO A 38 1.51 -5.90 -3.46
CA PRO A 38 2.01 -7.20 -3.95
C PRO A 38 3.28 -7.08 -4.79
N ASP A 39 3.34 -6.01 -5.57
CA ASP A 39 4.47 -5.76 -6.44
C ASP A 39 5.74 -5.55 -5.62
N LEU A 40 5.66 -4.69 -4.62
CA LEU A 40 6.81 -4.33 -3.82
C LEU A 40 7.14 -5.40 -2.77
N ILE A 41 6.11 -6.05 -2.23
CA ILE A 41 6.30 -7.04 -1.19
C ILE A 41 7.14 -8.21 -1.69
N CYS A 42 6.80 -8.76 -2.85
CA CYS A 42 7.54 -9.90 -3.40
C CYS A 42 8.99 -9.50 -3.65
N LYS A 43 9.18 -8.30 -4.19
CA LYS A 43 10.50 -7.79 -4.48
C LYS A 43 11.33 -7.65 -3.20
N GLY A 44 10.66 -7.40 -2.09
CA GLY A 44 11.34 -7.29 -0.81
C GLY A 44 12.01 -8.59 -0.41
N PHE A 45 11.42 -9.70 -0.81
CA PHE A 45 11.97 -11.02 -0.50
C PHE A 45 12.99 -11.43 -1.56
N ILE A 46 13.03 -10.69 -2.65
CA ILE A 46 13.95 -10.99 -3.74
C ILE A 46 15.19 -10.11 -3.67
N GLN A 47 14.99 -8.84 -3.37
CA GLN A 47 16.09 -7.87 -3.29
C GLN A 47 17.03 -8.20 -2.13
N ASP A 48 16.47 -8.59 -1.00
CA ASP A 48 17.27 -8.98 0.14
C ASP A 48 17.77 -10.40 -0.01
N PRO A 49 19.10 -10.60 -0.11
CA PRO A 49 19.71 -11.92 -0.23
C PRO A 49 19.39 -12.78 0.98
N ASP A 50 19.19 -12.12 2.11
CA ASP A 50 18.81 -12.78 3.35
C ASP A 50 17.46 -13.46 3.17
N LEU A 51 16.49 -12.68 2.73
CA LEU A 51 15.13 -13.12 2.60
C LEU A 51 14.97 -14.08 1.42
N LYS A 52 15.75 -13.85 0.37
CA LYS A 52 15.72 -14.67 -0.83
C LYS A 52 15.99 -16.13 -0.49
N LYS A 53 16.73 -16.34 0.60
CA LYS A 53 17.02 -17.66 1.09
C LYS A 53 15.75 -18.48 1.25
N ARG A 54 14.79 -17.93 1.98
CA ARG A 54 13.56 -18.66 2.30
C ARG A 54 12.63 -18.65 1.10
N PHE A 55 12.72 -17.59 0.32
CA PHE A 55 11.91 -17.44 -0.88
C PHE A 55 12.16 -18.62 -1.83
N ASP A 56 13.43 -18.97 -1.99
CA ASP A 56 13.81 -20.07 -2.87
C ASP A 56 13.63 -21.42 -2.18
N GLU A 57 13.71 -21.44 -0.85
CA GLU A 57 13.53 -22.68 -0.10
C GLU A 57 12.15 -23.28 -0.32
N ILE A 58 11.15 -22.42 -0.38
CA ILE A 58 9.77 -22.87 -0.58
C ILE A 58 9.45 -22.91 -2.08
N LYS A 59 10.46 -22.59 -2.88
CA LYS A 59 10.33 -22.49 -4.34
C LYS A 59 9.17 -21.60 -4.72
N MET A 60 9.12 -20.44 -4.08
CA MET A 60 8.03 -19.51 -4.28
C MET A 60 8.39 -18.56 -5.42
N THR A 61 7.38 -18.14 -6.17
CA THR A 61 7.63 -17.30 -7.33
C THR A 61 6.93 -15.95 -7.21
N TYR A 62 7.40 -14.99 -8.00
CA TYR A 62 6.84 -13.64 -8.01
C TYR A 62 5.32 -13.66 -8.14
N GLU A 63 4.84 -14.44 -9.10
CA GLU A 63 3.41 -14.54 -9.38
C GLU A 63 2.67 -15.16 -8.19
N GLN A 64 3.32 -16.11 -7.53
CA GLN A 64 2.75 -16.76 -6.36
C GLN A 64 2.57 -15.73 -5.23
N CYS A 65 3.48 -14.78 -5.14
CA CYS A 65 3.41 -13.73 -4.15
C CYS A 65 2.18 -12.86 -4.38
N VAL A 66 2.08 -12.30 -5.58
CA VAL A 66 1.06 -11.30 -5.88
C VAL A 66 -0.35 -11.87 -5.87
N THR A 67 -0.48 -13.18 -5.84
CA THR A 67 -1.79 -13.79 -5.72
C THR A 67 -2.14 -14.01 -4.24
N LEU A 68 -1.13 -13.95 -3.37
CA LEU A 68 -1.35 -14.16 -1.95
C LEU A 68 -1.43 -12.84 -1.21
N ILE A 69 -0.61 -11.89 -1.64
CA ILE A 69 -0.52 -10.58 -0.98
C ILE A 69 -1.88 -9.90 -0.81
N PRO A 70 -2.78 -9.93 -1.84
CA PRO A 70 -4.15 -9.40 -1.73
C PRO A 70 -4.91 -9.90 -0.48
N GLU A 71 -4.44 -10.98 0.12
CA GLU A 71 -5.02 -11.47 1.36
C GLU A 71 -4.63 -10.56 2.53
N SER A 72 -3.38 -10.14 2.54
CA SER A 72 -2.85 -9.35 3.65
C SER A 72 -3.11 -7.86 3.41
N THR A 73 -3.21 -7.46 2.14
CA THR A 73 -3.49 -6.08 1.80
C THR A 73 -4.79 -5.62 2.45
N LYS A 74 -5.80 -6.47 2.34
CA LYS A 74 -7.11 -6.19 2.92
C LYS A 74 -7.03 -6.28 4.44
N LYS A 75 -6.21 -7.22 4.93
CA LYS A 75 -6.03 -7.41 6.36
C LYS A 75 -5.45 -6.17 7.03
N CYS A 76 -4.26 -5.76 6.59
CA CYS A 76 -3.57 -4.63 7.22
C CYS A 76 -4.32 -3.34 6.92
N GLN A 77 -5.09 -3.34 5.84
CA GLN A 77 -5.93 -2.20 5.51
C GLN A 77 -6.86 -1.88 6.67
N ASP A 78 -7.63 -2.89 7.09
CA ASP A 78 -8.61 -2.70 8.16
C ASP A 78 -7.91 -2.39 9.48
N GLU A 79 -6.68 -2.86 9.62
CA GLU A 79 -5.88 -2.62 10.82
C GLU A 79 -5.63 -1.14 11.03
N LEU A 80 -4.97 -0.56 10.05
CA LEU A 80 -4.51 0.82 10.13
C LEU A 80 -5.61 1.81 9.79
N TYR A 81 -6.57 1.38 8.96
CA TYR A 81 -7.71 2.21 8.57
C TYR A 81 -8.37 2.88 9.78
N ALA A 82 -8.42 2.16 10.89
CA ALA A 82 -9.05 2.66 12.11
C ALA A 82 -8.18 3.73 12.78
N SER A 83 -6.89 3.75 12.47
CA SER A 83 -5.97 4.67 13.10
C SER A 83 -5.59 5.81 12.16
N MET A 84 -5.90 5.64 10.88
CA MET A 84 -5.54 6.62 9.87
C MET A 84 -6.43 7.85 9.95
N PRO A 85 -5.88 9.02 9.59
CA PRO A 85 -6.63 10.28 9.55
C PRO A 85 -7.61 10.30 8.38
N ASP A 86 -8.39 11.37 8.28
CA ASP A 86 -9.40 11.47 7.23
C ASP A 86 -8.75 11.44 5.85
N LYS A 87 -7.72 12.25 5.67
CA LYS A 87 -7.05 12.34 4.39
C LYS A 87 -5.59 11.98 4.51
N ILE A 88 -5.05 11.36 3.48
CA ILE A 88 -3.68 10.89 3.48
C ILE A 88 -2.81 11.77 2.59
N ASN A 89 -1.94 12.56 3.22
CA ASN A 89 -0.98 13.38 2.50
C ASN A 89 0.12 12.51 1.91
N SER A 90 0.90 13.03 0.97
CA SER A 90 1.98 12.27 0.37
C SER A 90 2.92 11.72 1.44
N GLU A 91 3.26 12.56 2.43
CA GLU A 91 4.10 12.15 3.54
C GLU A 91 3.40 11.08 4.37
N THR A 92 2.11 11.31 4.61
CA THR A 92 1.29 10.40 5.40
C THR A 92 1.23 9.03 4.75
N ALA A 93 1.20 9.04 3.42
CA ALA A 93 1.14 7.83 2.62
C ALA A 93 2.32 6.91 2.90
N GLY A 94 3.52 7.48 2.94
CA GLY A 94 4.71 6.69 3.19
C GLY A 94 4.69 6.05 4.56
N THR A 95 4.20 6.80 5.54
CA THR A 95 4.15 6.34 6.91
C THR A 95 3.24 5.12 7.06
N TRP A 96 2.05 5.20 6.50
CA TRP A 96 1.10 4.12 6.61
C TRP A 96 1.38 3.04 5.58
N GLY A 97 1.98 3.43 4.47
CA GLY A 97 2.35 2.49 3.43
C GLY A 97 3.36 1.47 3.92
N ARG A 98 4.39 1.94 4.61
CA ARG A 98 5.39 1.06 5.17
C ARG A 98 4.78 0.20 6.27
N SER A 99 3.73 0.72 6.91
CA SER A 99 3.01 0.00 7.94
C SER A 99 2.29 -1.21 7.32
N LEU A 100 1.61 -0.98 6.21
CA LEU A 100 1.00 -2.07 5.45
C LEU A 100 2.05 -3.09 5.05
N GLY A 101 3.18 -2.59 4.56
CA GLY A 101 4.26 -3.46 4.10
C GLY A 101 4.79 -4.36 5.19
N GLU A 102 5.03 -3.82 6.38
CA GLU A 102 5.58 -4.62 7.48
C GLU A 102 4.59 -5.70 7.90
N CYS A 103 3.31 -5.35 7.94
CA CYS A 103 2.25 -6.31 8.26
C CYS A 103 2.28 -7.46 7.26
N ILE A 104 2.15 -7.09 5.99
CA ILE A 104 2.06 -8.06 4.92
C ILE A 104 3.30 -8.94 4.83
N GLY A 105 4.47 -8.32 4.97
CA GLY A 105 5.71 -9.07 4.92
C GLY A 105 5.80 -10.12 6.02
N LYS A 106 5.09 -9.87 7.12
CA LYS A 106 5.05 -10.82 8.22
C LYS A 106 3.96 -11.86 7.97
N ASP A 107 2.82 -11.40 7.46
CA ASP A 107 1.68 -12.27 7.20
C ASP A 107 2.01 -13.28 6.11
N PHE A 108 2.56 -12.77 5.03
CA PHE A 108 2.94 -13.59 3.89
C PHE A 108 3.97 -14.64 4.29
N ALA A 109 4.89 -14.24 5.15
CA ALA A 109 5.96 -15.12 5.60
C ALA A 109 5.43 -16.28 6.43
N GLU A 110 4.69 -15.96 7.49
CA GLU A 110 4.18 -16.97 8.40
C GLU A 110 3.23 -17.93 7.70
N LYS A 111 2.61 -17.46 6.62
CA LYS A 111 1.69 -18.29 5.87
C LYS A 111 2.40 -19.33 5.02
N HIS A 112 3.15 -18.87 4.02
CA HIS A 112 3.70 -19.80 3.03
C HIS A 112 5.22 -19.95 3.13
N LEU A 113 5.91 -18.94 3.61
CA LEU A 113 7.36 -19.03 3.75
C LEU A 113 7.73 -19.91 4.93
N ILE A 114 6.89 -19.92 5.95
CA ILE A 114 7.03 -20.85 7.05
C ILE A 114 6.25 -22.13 6.76
N PRO A 115 6.94 -23.26 6.56
CA PRO A 115 6.32 -24.53 6.18
C PRO A 115 5.51 -25.17 7.31
N LYS A 116 5.59 -24.57 8.49
CA LYS A 116 4.88 -25.07 9.65
C LYS A 116 3.42 -24.62 9.61
N MET A 1 -17.08 32.78 11.20
CA MET A 1 -18.32 33.51 11.55
C MET A 1 -18.02 34.99 11.75
N ALA A 2 -18.18 35.78 10.69
CA ALA A 2 -17.92 37.21 10.76
C ALA A 2 -18.77 37.97 9.75
N HIS A 3 -20.03 37.60 9.64
CA HIS A 3 -20.94 38.26 8.71
C HIS A 3 -21.53 39.52 9.34
N HIS A 4 -20.91 40.66 9.09
CA HIS A 4 -21.41 41.93 9.59
C HIS A 4 -22.01 42.75 8.46
N HIS A 5 -22.52 42.05 7.45
CA HIS A 5 -23.17 42.70 6.31
C HIS A 5 -24.45 41.96 5.96
N HIS A 6 -25.54 42.70 5.78
CA HIS A 6 -26.82 42.09 5.43
C HIS A 6 -26.96 41.90 3.94
N HIS A 7 -25.94 41.34 3.32
CA HIS A 7 -25.97 41.04 1.90
C HIS A 7 -25.23 39.73 1.65
N HIS A 8 -25.64 39.01 0.62
CA HIS A 8 -25.01 37.76 0.26
C HIS A 8 -24.84 37.68 -1.26
N VAL A 9 -23.76 37.05 -1.68
CA VAL A 9 -23.51 36.82 -3.11
C VAL A 9 -24.35 35.64 -3.60
N ASP A 10 -25.65 35.70 -3.32
CA ASP A 10 -26.60 34.61 -3.60
C ASP A 10 -26.31 33.39 -2.75
N ASP A 11 -25.24 32.68 -3.07
CA ASP A 11 -24.82 31.53 -2.29
C ASP A 11 -23.56 31.87 -1.51
N ASP A 12 -23.66 31.90 -0.19
CA ASP A 12 -22.54 32.29 0.65
C ASP A 12 -21.62 31.13 0.93
N ASP A 13 -20.33 31.33 0.69
CA ASP A 13 -19.32 30.32 0.97
C ASP A 13 -18.13 30.94 1.67
N LYS A 14 -17.29 30.11 2.25
CA LYS A 14 -16.07 30.56 2.90
C LYS A 14 -15.03 29.45 2.90
N MET A 15 -15.12 28.60 1.88
CA MET A 15 -14.19 27.49 1.74
C MET A 15 -13.02 27.89 0.86
N GLU A 16 -12.10 28.65 1.41
CA GLU A 16 -10.92 29.07 0.71
C GLU A 16 -9.85 28.00 0.80
N ASP A 17 -9.81 27.32 1.93
CA ASP A 17 -8.86 26.25 2.15
C ASP A 17 -9.60 24.93 2.34
N THR A 18 -8.94 23.83 1.98
CA THR A 18 -9.49 22.49 2.11
C THR A 18 -10.89 22.37 1.49
N ALA A 19 -11.05 22.99 0.33
CA ALA A 19 -12.31 22.92 -0.41
C ALA A 19 -12.27 21.75 -1.38
N ASN A 20 -11.10 21.47 -1.89
CA ASN A 20 -10.89 20.35 -2.81
C ASN A 20 -9.88 19.38 -2.23
N PRO A 21 -10.10 18.08 -2.40
CA PRO A 21 -9.14 17.06 -1.98
C PRO A 21 -7.85 17.12 -2.80
N ASN A 22 -6.87 17.85 -2.29
CA ASN A 22 -5.57 17.93 -2.94
C ASN A 22 -4.91 16.57 -2.91
N GLU A 23 -5.04 15.90 -1.79
CA GLU A 23 -4.47 14.60 -1.57
C GLU A 23 -5.54 13.53 -1.75
N MET A 24 -5.19 12.29 -1.48
CA MET A 24 -6.12 11.18 -1.63
C MET A 24 -6.68 10.79 -0.28
N THR A 25 -7.97 10.55 -0.22
CA THR A 25 -8.61 10.17 1.02
C THR A 25 -8.13 8.80 1.47
N LYS A 26 -8.29 8.50 2.76
CA LYS A 26 -7.84 7.23 3.30
C LYS A 26 -8.38 6.05 2.48
N ASP A 27 -9.62 6.18 2.00
CA ASP A 27 -10.27 5.12 1.26
C ASP A 27 -9.67 4.99 -0.13
N ALA A 28 -9.53 6.12 -0.83
CA ALA A 28 -9.01 6.14 -2.18
C ALA A 28 -7.54 5.73 -2.18
N TRP A 29 -6.84 6.13 -1.12
CA TRP A 29 -5.46 5.74 -0.93
C TRP A 29 -5.35 4.24 -0.80
N LEU A 30 -6.11 3.67 0.14
CA LEU A 30 -6.14 2.22 0.33
C LEU A 30 -6.48 1.52 -0.98
N ASN A 31 -7.49 2.03 -1.67
CA ASN A 31 -7.97 1.44 -2.91
C ASN A 31 -6.85 1.39 -3.96
N SER A 32 -6.03 2.42 -3.98
CA SER A 32 -4.97 2.52 -4.96
C SER A 32 -3.68 1.84 -4.46
N MET A 33 -3.52 1.82 -3.15
CA MET A 33 -2.27 1.37 -2.53
C MET A 33 -2.25 -0.15 -2.36
N THR A 34 -3.40 -0.73 -2.01
CA THR A 34 -3.47 -2.16 -1.72
C THR A 34 -2.83 -3.04 -2.79
N PRO A 35 -3.15 -2.86 -4.09
CA PRO A 35 -2.61 -3.73 -5.14
C PRO A 35 -1.19 -3.36 -5.55
N LEU A 36 -0.67 -2.26 -5.01
CA LEU A 36 0.70 -1.86 -5.27
C LEU A 36 1.63 -2.51 -4.25
N LEU A 37 1.04 -3.00 -3.16
CA LEU A 37 1.81 -3.60 -2.10
C LEU A 37 2.41 -4.95 -2.53
N PRO A 38 1.63 -5.88 -3.13
CA PRO A 38 2.15 -7.16 -3.60
C PRO A 38 3.41 -7.01 -4.45
N ASP A 39 3.43 -5.94 -5.23
CA ASP A 39 4.55 -5.63 -6.11
C ASP A 39 5.82 -5.41 -5.31
N LEU A 40 5.75 -4.49 -4.35
CA LEU A 40 6.91 -4.10 -3.56
C LEU A 40 7.29 -5.19 -2.55
N ILE A 41 6.29 -5.87 -2.01
CA ILE A 41 6.53 -6.89 -1.00
C ILE A 41 7.37 -8.03 -1.53
N CYS A 42 6.97 -8.61 -2.65
CA CYS A 42 7.66 -9.77 -3.21
C CYS A 42 9.10 -9.40 -3.57
N LYS A 43 9.29 -8.21 -4.11
CA LYS A 43 10.60 -7.73 -4.50
C LYS A 43 11.54 -7.66 -3.30
N GLY A 44 10.99 -7.30 -2.16
CA GLY A 44 11.77 -7.21 -0.94
C GLY A 44 12.41 -8.53 -0.56
N PHE A 45 11.69 -9.62 -0.80
CA PHE A 45 12.19 -10.96 -0.47
C PHE A 45 13.14 -11.47 -1.53
N ILE A 46 13.05 -10.91 -2.73
CA ILE A 46 13.90 -11.35 -3.83
C ILE A 46 15.21 -10.56 -3.86
N GLN A 47 15.11 -9.25 -3.63
CA GLN A 47 16.26 -8.36 -3.64
C GLN A 47 17.18 -8.63 -2.45
N ASP A 48 16.62 -9.15 -1.37
CA ASP A 48 17.39 -9.44 -0.17
C ASP A 48 17.87 -10.89 -0.17
N PRO A 49 19.20 -11.10 -0.13
CA PRO A 49 19.79 -12.44 -0.15
C PRO A 49 19.38 -13.29 1.05
N ASP A 50 19.21 -12.64 2.20
CA ASP A 50 18.80 -13.32 3.42
C ASP A 50 17.38 -13.85 3.29
N LEU A 51 16.52 -13.02 2.73
CA LEU A 51 15.12 -13.37 2.56
C LEU A 51 14.94 -14.34 1.40
N LYS A 52 15.76 -14.17 0.36
CA LYS A 52 15.69 -15.01 -0.82
C LYS A 52 15.95 -16.47 -0.45
N LYS A 53 16.64 -16.68 0.65
CA LYS A 53 16.92 -18.02 1.14
C LYS A 53 15.62 -18.79 1.34
N ARG A 54 14.68 -18.19 2.05
CA ARG A 54 13.42 -18.86 2.37
C ARG A 54 12.50 -18.84 1.17
N PHE A 55 12.61 -17.77 0.39
CA PHE A 55 11.83 -17.60 -0.82
C PHE A 55 12.13 -18.73 -1.81
N ASP A 56 13.40 -19.14 -1.86
CA ASP A 56 13.83 -20.21 -2.73
C ASP A 56 13.49 -21.58 -2.14
N GLU A 57 13.51 -21.68 -0.81
CA GLU A 57 13.16 -22.93 -0.13
C GLU A 57 11.74 -23.38 -0.50
N ILE A 58 10.85 -22.42 -0.60
CA ILE A 58 9.46 -22.70 -0.95
C ILE A 58 9.29 -22.70 -2.47
N LYS A 59 10.39 -22.32 -3.13
CA LYS A 59 10.44 -22.21 -4.60
C LYS A 59 9.31 -21.32 -5.09
N MET A 60 9.11 -20.21 -4.40
CA MET A 60 8.02 -19.29 -4.72
C MET A 60 8.46 -18.31 -5.80
N THR A 61 7.50 -17.80 -6.55
CA THR A 61 7.79 -16.86 -7.62
C THR A 61 7.09 -15.54 -7.38
N TYR A 62 7.49 -14.50 -8.09
CA TYR A 62 6.89 -13.17 -7.94
C TYR A 62 5.39 -13.21 -8.20
N GLU A 63 5.01 -13.90 -9.28
CA GLU A 63 3.61 -14.01 -9.66
C GLU A 63 2.81 -14.76 -8.61
N GLN A 64 3.48 -15.58 -7.82
CA GLN A 64 2.83 -16.31 -6.74
C GLN A 64 2.54 -15.37 -5.58
N CYS A 65 3.52 -14.55 -5.24
CA CYS A 65 3.39 -13.59 -4.15
C CYS A 65 2.16 -12.71 -4.35
N VAL A 66 1.99 -12.18 -5.54
CA VAL A 66 0.95 -11.19 -5.80
C VAL A 66 -0.45 -11.78 -5.74
N THR A 67 -0.55 -13.10 -5.74
CA THR A 67 -1.85 -13.73 -5.57
C THR A 67 -2.11 -14.03 -4.09
N LEU A 68 -1.05 -13.94 -3.28
CA LEU A 68 -1.14 -14.24 -1.85
C LEU A 68 -1.23 -12.97 -1.03
N ILE A 69 -0.47 -11.96 -1.43
CA ILE A 69 -0.40 -10.68 -0.72
C ILE A 69 -1.79 -10.02 -0.53
N PRO A 70 -2.68 -10.04 -1.55
CA PRO A 70 -4.06 -9.51 -1.43
C PRO A 70 -4.80 -9.97 -0.17
N GLU A 71 -4.34 -11.04 0.46
CA GLU A 71 -4.91 -11.49 1.71
C GLU A 71 -4.55 -10.52 2.82
N SER A 72 -3.26 -10.23 2.94
CA SER A 72 -2.76 -9.39 4.03
C SER A 72 -3.06 -7.92 3.76
N THR A 73 -3.15 -7.54 2.49
CA THR A 73 -3.46 -6.16 2.13
C THR A 73 -4.75 -5.71 2.79
N LYS A 74 -5.77 -6.56 2.69
CA LYS A 74 -7.08 -6.26 3.24
C LYS A 74 -7.03 -6.30 4.77
N LYS A 75 -6.25 -7.24 5.30
CA LYS A 75 -6.07 -7.37 6.74
C LYS A 75 -5.42 -6.12 7.33
N CYS A 76 -4.25 -5.79 6.79
CA CYS A 76 -3.48 -4.65 7.27
C CYS A 76 -4.22 -3.35 7.02
N GLN A 77 -5.08 -3.35 6.01
CA GLN A 77 -5.96 -2.23 5.75
C GLN A 77 -6.86 -2.00 6.95
N ASP A 78 -7.56 -3.05 7.35
CA ASP A 78 -8.48 -2.98 8.49
C ASP A 78 -7.76 -2.57 9.77
N GLU A 79 -6.51 -2.99 9.87
CA GLU A 79 -5.68 -2.68 11.03
C GLU A 79 -5.51 -1.18 11.21
N LEU A 80 -4.99 -0.55 10.17
CA LEU A 80 -4.56 0.83 10.24
C LEU A 80 -5.69 1.80 9.88
N TYR A 81 -6.64 1.34 9.06
CA TYR A 81 -7.77 2.16 8.61
C TYR A 81 -8.40 2.96 9.75
N ALA A 82 -8.61 2.31 10.88
CA ALA A 82 -9.26 2.94 12.02
C ALA A 82 -8.38 4.03 12.64
N SER A 83 -7.08 3.94 12.43
CA SER A 83 -6.14 4.87 13.03
C SER A 83 -5.73 5.96 12.04
N MET A 84 -5.99 5.72 10.76
CA MET A 84 -5.62 6.67 9.71
C MET A 84 -6.55 7.87 9.70
N PRO A 85 -6.00 9.04 9.33
CA PRO A 85 -6.78 10.28 9.25
C PRO A 85 -7.76 10.28 8.08
N ASP A 86 -8.52 11.36 7.94
CA ASP A 86 -9.50 11.47 6.86
C ASP A 86 -8.81 11.34 5.51
N LYS A 87 -7.75 12.12 5.32
CA LYS A 87 -7.06 12.16 4.05
C LYS A 87 -5.59 11.82 4.22
N ILE A 88 -5.02 11.26 3.17
CA ILE A 88 -3.65 10.78 3.20
C ILE A 88 -2.76 11.62 2.29
N ASN A 89 -1.89 12.41 2.89
CA ASN A 89 -0.99 13.27 2.15
C ASN A 89 0.25 12.50 1.71
N SER A 90 1.16 13.17 1.01
CA SER A 90 2.36 12.51 0.49
C SER A 90 3.17 11.87 1.60
N GLU A 91 3.43 12.63 2.67
CA GLU A 91 4.16 12.12 3.82
C GLU A 91 3.37 11.03 4.53
N THR A 92 2.06 11.24 4.62
CA THR A 92 1.17 10.33 5.31
C THR A 92 1.16 8.98 4.61
N ALA A 93 1.20 9.02 3.28
CA ALA A 93 1.20 7.84 2.45
C ALA A 93 2.40 6.94 2.76
N GLY A 94 3.58 7.55 2.82
CA GLY A 94 4.78 6.78 3.08
C GLY A 94 4.81 6.19 4.47
N THR A 95 4.14 6.87 5.40
CA THR A 95 4.11 6.44 6.79
C THR A 95 3.21 5.21 6.97
N TRP A 96 1.98 5.29 6.49
CA TRP A 96 1.04 4.19 6.64
C TRP A 96 1.31 3.11 5.61
N GLY A 97 1.89 3.50 4.48
CA GLY A 97 2.24 2.56 3.45
C GLY A 97 3.29 1.56 3.92
N ARG A 98 4.24 2.03 4.73
CA ARG A 98 5.28 1.16 5.24
C ARG A 98 4.72 0.28 6.36
N SER A 99 3.71 0.81 7.07
CA SER A 99 3.02 0.03 8.08
C SER A 99 2.32 -1.15 7.45
N LEU A 100 1.65 -0.90 6.32
CA LEU A 100 1.04 -1.97 5.54
C LEU A 100 2.11 -2.96 5.09
N GLY A 101 3.20 -2.44 4.56
CA GLY A 101 4.26 -3.27 4.03
C GLY A 101 4.84 -4.23 5.06
N GLU A 102 5.24 -3.71 6.21
CA GLU A 102 5.84 -4.53 7.25
C GLU A 102 4.83 -5.54 7.79
N CYS A 103 3.59 -5.09 7.94
CA CYS A 103 2.51 -5.95 8.42
C CYS A 103 2.28 -7.11 7.46
N ILE A 104 2.19 -6.79 6.18
CA ILE A 104 1.97 -7.78 5.14
C ILE A 104 3.12 -8.77 5.07
N GLY A 105 4.34 -8.26 5.14
CA GLY A 105 5.51 -9.13 5.11
C GLY A 105 5.49 -10.13 6.26
N LYS A 106 4.91 -9.72 7.39
CA LYS A 106 4.80 -10.57 8.56
C LYS A 106 3.79 -11.69 8.33
N ASP A 107 2.67 -11.34 7.68
CA ASP A 107 1.61 -12.31 7.45
C ASP A 107 1.99 -13.23 6.30
N PHE A 108 2.52 -12.64 5.24
CA PHE A 108 2.95 -13.38 4.06
C PHE A 108 3.98 -14.45 4.42
N ALA A 109 4.95 -14.07 5.25
CA ALA A 109 6.01 -14.99 5.65
C ALA A 109 5.44 -16.19 6.39
N GLU A 110 4.67 -15.93 7.44
CA GLU A 110 4.14 -17.01 8.25
C GLU A 110 3.05 -17.79 7.50
N LYS A 111 2.52 -17.19 6.45
CA LYS A 111 1.57 -17.88 5.59
C LYS A 111 2.24 -19.00 4.80
N HIS A 112 3.07 -18.61 3.84
CA HIS A 112 3.61 -19.57 2.89
C HIS A 112 5.10 -19.78 3.03
N LEU A 113 5.84 -18.74 3.42
CA LEU A 113 7.29 -18.85 3.54
C LEU A 113 7.67 -19.82 4.65
N ILE A 114 6.85 -19.88 5.69
CA ILE A 114 7.04 -20.89 6.72
C ILE A 114 6.25 -22.15 6.38
N PRO A 115 6.94 -23.23 6.01
CA PRO A 115 6.31 -24.46 5.57
C PRO A 115 5.89 -25.37 6.72
N LYS A 116 6.15 -24.90 7.93
CA LYS A 116 5.83 -25.66 9.13
C LYS A 116 4.45 -25.29 9.64
N MET A 1 20.53 47.72 -10.72
CA MET A 1 19.67 47.56 -9.52
C MET A 1 20.50 47.70 -8.25
N ALA A 2 19.88 48.21 -7.21
CA ALA A 2 20.56 48.40 -5.95
C ALA A 2 19.68 47.91 -4.79
N HIS A 3 20.19 46.93 -4.04
CA HIS A 3 19.45 46.34 -2.92
C HIS A 3 18.08 45.81 -3.37
N HIS A 4 18.05 45.20 -4.54
CA HIS A 4 16.83 44.63 -5.06
C HIS A 4 16.54 43.30 -4.36
N HIS A 5 17.47 42.36 -4.49
CA HIS A 5 17.41 41.07 -3.81
C HIS A 5 16.09 40.35 -4.09
N HIS A 6 15.99 39.78 -5.29
CA HIS A 6 14.82 39.00 -5.66
C HIS A 6 15.19 38.01 -6.77
N HIS A 7 14.80 36.76 -6.58
CA HIS A 7 15.02 35.73 -7.59
C HIS A 7 13.72 35.03 -7.90
N HIS A 8 13.71 34.23 -8.96
CA HIS A 8 12.51 33.50 -9.36
C HIS A 8 12.39 32.20 -8.56
N VAL A 9 12.31 32.35 -7.25
CA VAL A 9 12.16 31.20 -6.36
C VAL A 9 10.70 30.77 -6.33
N ASP A 10 9.83 31.72 -5.99
CA ASP A 10 8.39 31.49 -5.99
C ASP A 10 7.86 31.66 -7.41
N ASP A 11 8.41 30.88 -8.32
CA ASP A 11 8.09 31.00 -9.74
C ASP A 11 7.32 29.77 -10.23
N ASP A 12 7.00 28.88 -9.31
CA ASP A 12 6.22 27.69 -9.66
C ASP A 12 4.74 28.04 -9.64
N ASP A 13 4.12 27.94 -8.46
CA ASP A 13 2.74 28.30 -8.30
C ASP A 13 2.64 29.79 -8.01
N LYS A 14 2.52 30.59 -9.06
CA LYS A 14 2.53 32.04 -8.91
C LYS A 14 1.14 32.64 -9.10
N MET A 15 0.22 31.83 -9.61
CA MET A 15 -1.11 32.33 -9.91
C MET A 15 -2.20 31.40 -9.40
N GLU A 16 -1.85 30.15 -9.14
CA GLU A 16 -2.84 29.17 -8.70
C GLU A 16 -2.18 28.08 -7.87
N ASP A 17 -1.97 28.36 -6.59
CA ASP A 17 -1.43 27.36 -5.68
C ASP A 17 -2.52 26.37 -5.29
N THR A 18 -2.12 25.13 -4.98
CA THR A 18 -3.04 24.02 -4.76
C THR A 18 -4.10 23.95 -5.86
N ALA A 19 -3.64 23.99 -7.10
CA ALA A 19 -4.53 23.95 -8.26
C ALA A 19 -5.33 22.66 -8.30
N ASN A 20 -4.67 21.55 -8.03
CA ASN A 20 -5.32 20.26 -7.98
C ASN A 20 -5.08 19.60 -6.63
N PRO A 21 -6.11 18.95 -6.06
CA PRO A 21 -5.98 18.24 -4.79
C PRO A 21 -5.17 16.97 -4.94
N ASN A 22 -3.87 17.08 -4.70
CA ASN A 22 -2.97 15.93 -4.80
C ASN A 22 -3.17 14.98 -3.62
N GLU A 23 -3.69 15.52 -2.53
CA GLU A 23 -3.95 14.71 -1.35
C GLU A 23 -5.17 13.84 -1.59
N MET A 24 -5.02 12.55 -1.32
CA MET A 24 -6.08 11.59 -1.51
C MET A 24 -6.72 11.27 -0.18
N THR A 25 -7.94 10.75 -0.21
CA THR A 25 -8.60 10.34 1.01
C THR A 25 -8.08 8.99 1.49
N LYS A 26 -8.32 8.66 2.75
CA LYS A 26 -7.84 7.42 3.32
C LYS A 26 -8.30 6.22 2.49
N ASP A 27 -9.55 6.24 2.06
CA ASP A 27 -10.13 5.13 1.32
C ASP A 27 -9.55 5.04 -0.08
N ALA A 28 -9.47 6.20 -0.74
CA ALA A 28 -8.95 6.27 -2.10
C ALA A 28 -7.49 5.87 -2.15
N TRP A 29 -6.74 6.25 -1.12
CA TRP A 29 -5.35 5.88 -0.99
C TRP A 29 -5.24 4.37 -0.87
N LEU A 30 -5.92 3.81 0.13
CA LEU A 30 -5.95 2.37 0.35
C LEU A 30 -6.35 1.62 -0.92
N ASN A 31 -7.37 2.15 -1.57
CA ASN A 31 -7.91 1.56 -2.79
C ASN A 31 -6.85 1.48 -3.88
N SER A 32 -6.02 2.51 -3.95
CA SER A 32 -5.02 2.61 -5.00
C SER A 32 -3.69 1.97 -4.58
N MET A 33 -3.50 1.85 -3.26
CA MET A 33 -2.22 1.43 -2.71
C MET A 33 -2.17 -0.08 -2.49
N THR A 34 -3.30 -0.68 -2.15
CA THR A 34 -3.37 -2.09 -1.81
C THR A 34 -2.72 -3.01 -2.87
N PRO A 35 -3.05 -2.87 -4.17
CA PRO A 35 -2.50 -3.74 -5.20
C PRO A 35 -1.08 -3.37 -5.61
N LEU A 36 -0.56 -2.29 -5.05
CA LEU A 36 0.82 -1.88 -5.28
C LEU A 36 1.73 -2.56 -4.26
N LEU A 37 1.13 -2.98 -3.16
CA LEU A 37 1.87 -3.58 -2.06
C LEU A 37 2.51 -4.91 -2.47
N PRO A 38 1.78 -5.84 -3.14
CA PRO A 38 2.35 -7.11 -3.59
C PRO A 38 3.66 -6.93 -4.35
N ASP A 39 3.69 -5.98 -5.27
CA ASP A 39 4.89 -5.74 -6.06
C ASP A 39 6.06 -5.37 -5.16
N LEU A 40 5.80 -4.54 -4.16
CA LEU A 40 6.81 -4.09 -3.23
C LEU A 40 7.25 -5.22 -2.31
N ILE A 41 6.26 -5.92 -1.77
CA ILE A 41 6.48 -6.99 -0.80
C ILE A 41 7.23 -8.15 -1.43
N CYS A 42 6.71 -8.64 -2.55
CA CYS A 42 7.26 -9.80 -3.21
C CYS A 42 8.67 -9.54 -3.71
N LYS A 43 8.91 -8.35 -4.25
CA LYS A 43 10.24 -7.98 -4.69
C LYS A 43 11.17 -7.84 -3.51
N GLY A 44 10.63 -7.39 -2.38
CA GLY A 44 11.43 -7.23 -1.18
C GLY A 44 12.11 -8.52 -0.77
N PHE A 45 11.41 -9.64 -0.92
CA PHE A 45 11.95 -10.94 -0.57
C PHE A 45 12.97 -11.40 -1.61
N ILE A 46 12.78 -10.98 -2.85
CA ILE A 46 13.66 -11.39 -3.92
C ILE A 46 14.94 -10.54 -3.92
N GLN A 47 14.77 -9.26 -3.70
CA GLN A 47 15.88 -8.31 -3.74
C GLN A 47 16.77 -8.43 -2.50
N ASP A 48 16.21 -8.97 -1.43
CA ASP A 48 17.01 -9.20 -0.22
C ASP A 48 17.59 -10.60 -0.24
N PRO A 49 18.93 -10.71 -0.27
CA PRO A 49 19.63 -11.99 -0.32
C PRO A 49 19.23 -12.94 0.80
N ASP A 50 18.93 -12.38 1.97
CA ASP A 50 18.52 -13.18 3.12
C ASP A 50 17.22 -13.87 2.84
N LEU A 51 16.25 -13.08 2.44
CA LEU A 51 14.91 -13.52 2.23
C LEU A 51 14.80 -14.36 0.97
N LYS A 52 15.66 -14.07 0.01
CA LYS A 52 15.69 -14.81 -1.25
C LYS A 52 16.01 -16.27 -1.00
N LYS A 53 16.70 -16.53 0.11
CA LYS A 53 17.01 -17.89 0.52
C LYS A 53 15.72 -18.66 0.76
N ARG A 54 14.83 -18.06 1.53
CA ARG A 54 13.58 -18.71 1.91
C ARG A 54 12.64 -18.78 0.72
N PHE A 55 12.69 -17.74 -0.11
CA PHE A 55 11.91 -17.68 -1.34
C PHE A 55 12.22 -18.87 -2.24
N ASP A 56 13.51 -19.23 -2.30
CA ASP A 56 13.94 -20.38 -3.09
C ASP A 56 13.57 -21.69 -2.39
N GLU A 57 13.69 -21.73 -1.07
CA GLU A 57 13.36 -22.91 -0.28
C GLU A 57 11.91 -23.34 -0.46
N ILE A 58 11.03 -22.35 -0.64
CA ILE A 58 9.61 -22.63 -0.81
C ILE A 58 9.27 -22.75 -2.30
N LYS A 59 10.29 -22.57 -3.14
CA LYS A 59 10.15 -22.59 -4.59
C LYS A 59 9.09 -21.59 -5.04
N MET A 60 9.10 -20.44 -4.40
CA MET A 60 8.09 -19.43 -4.59
C MET A 60 8.44 -18.55 -5.79
N THR A 61 7.42 -18.04 -6.46
CA THR A 61 7.62 -17.12 -7.57
C THR A 61 6.95 -15.78 -7.27
N TYR A 62 7.34 -14.75 -8.01
CA TYR A 62 6.70 -13.45 -7.88
C TYR A 62 5.19 -13.58 -8.11
N GLU A 63 4.84 -14.30 -9.18
CA GLU A 63 3.45 -14.53 -9.55
C GLU A 63 2.67 -15.18 -8.41
N GLN A 64 3.28 -16.19 -7.80
CA GLN A 64 2.67 -16.89 -6.69
C GLN A 64 2.44 -15.95 -5.51
N CYS A 65 3.44 -15.14 -5.23
CA CYS A 65 3.40 -14.24 -4.09
C CYS A 65 2.35 -13.14 -4.27
N VAL A 66 2.31 -12.50 -5.44
CA VAL A 66 1.42 -11.36 -5.65
C VAL A 66 -0.05 -11.77 -5.67
N THR A 67 -0.35 -13.06 -5.78
CA THR A 67 -1.71 -13.52 -5.73
C THR A 67 -2.09 -13.84 -4.28
N LEU A 68 -1.09 -13.89 -3.42
CA LEU A 68 -1.30 -14.22 -2.01
C LEU A 68 -1.31 -12.95 -1.17
N ILE A 69 -0.48 -11.99 -1.55
CA ILE A 69 -0.38 -10.73 -0.83
C ILE A 69 -1.73 -10.02 -0.63
N PRO A 70 -2.64 -10.02 -1.65
CA PRO A 70 -4.00 -9.47 -1.51
C PRO A 70 -4.77 -9.99 -0.29
N GLU A 71 -4.32 -11.11 0.26
CA GLU A 71 -4.92 -11.65 1.47
C GLU A 71 -4.50 -10.84 2.68
N SER A 72 -3.29 -10.32 2.62
CA SER A 72 -2.73 -9.55 3.71
C SER A 72 -3.05 -8.07 3.55
N THR A 73 -3.18 -7.62 2.30
CA THR A 73 -3.45 -6.22 1.99
C THR A 73 -4.75 -5.75 2.63
N LYS A 74 -5.85 -6.44 2.31
CA LYS A 74 -7.17 -6.09 2.82
C LYS A 74 -7.20 -6.21 4.34
N LYS A 75 -6.46 -7.17 4.86
CA LYS A 75 -6.34 -7.40 6.29
C LYS A 75 -5.71 -6.18 6.99
N CYS A 76 -4.46 -5.92 6.65
CA CYS A 76 -3.72 -4.80 7.23
C CYS A 76 -4.37 -3.46 6.90
N GLN A 77 -5.11 -3.42 5.79
CA GLN A 77 -5.86 -2.23 5.43
C GLN A 77 -6.82 -1.85 6.53
N ASP A 78 -7.76 -2.74 6.84
CA ASP A 78 -8.78 -2.50 7.85
C ASP A 78 -8.13 -2.26 9.21
N GLU A 79 -7.01 -2.92 9.44
CA GLU A 79 -6.25 -2.79 10.66
C GLU A 79 -5.89 -1.33 10.92
N LEU A 80 -5.25 -0.73 9.95
CA LEU A 80 -4.70 0.60 10.11
C LEU A 80 -5.70 1.68 9.68
N TYR A 81 -6.60 1.32 8.77
CA TYR A 81 -7.66 2.22 8.31
C TYR A 81 -8.38 2.89 9.50
N ALA A 82 -8.57 2.14 10.57
CA ALA A 82 -9.25 2.66 11.75
C ALA A 82 -8.44 3.77 12.43
N SER A 83 -7.13 3.70 12.29
CA SER A 83 -6.25 4.67 12.93
C SER A 83 -5.81 5.74 11.92
N MET A 84 -6.15 5.54 10.66
CA MET A 84 -5.80 6.47 9.60
C MET A 84 -6.68 7.72 9.67
N PRO A 85 -6.11 8.88 9.35
CA PRO A 85 -6.85 10.14 9.32
C PRO A 85 -7.81 10.21 8.12
N ASP A 86 -8.55 11.30 8.00
CA ASP A 86 -9.53 11.43 6.93
C ASP A 86 -8.86 11.39 5.57
N LYS A 87 -7.83 12.19 5.41
CA LYS A 87 -7.12 12.29 4.15
C LYS A 87 -5.66 11.95 4.33
N ILE A 88 -4.99 11.63 3.24
CA ILE A 88 -3.62 11.13 3.28
C ILE A 88 -2.73 11.94 2.34
N ASN A 89 -1.81 12.70 2.90
CA ASN A 89 -0.84 13.45 2.11
C ASN A 89 0.40 12.60 1.83
N SER A 90 1.36 13.17 1.10
CA SER A 90 2.56 12.44 0.67
C SER A 90 3.29 11.78 1.86
N GLU A 91 3.50 12.55 2.92
CA GLU A 91 4.24 12.04 4.07
C GLU A 91 3.44 10.99 4.82
N THR A 92 2.15 11.25 5.00
CA THR A 92 1.29 10.33 5.73
C THR A 92 1.13 9.03 4.95
N ALA A 93 1.23 9.13 3.63
CA ALA A 93 1.20 7.97 2.75
C ALA A 93 2.32 7.00 3.09
N GLY A 94 3.53 7.54 3.22
CA GLY A 94 4.68 6.71 3.56
C GLY A 94 4.53 6.08 4.93
N THR A 95 3.97 6.85 5.86
CA THR A 95 3.75 6.38 7.23
C THR A 95 2.93 5.08 7.24
N TRP A 96 1.75 5.11 6.62
CA TRP A 96 0.88 3.96 6.63
C TRP A 96 1.31 2.94 5.59
N GLY A 97 1.96 3.41 4.53
CA GLY A 97 2.46 2.53 3.50
C GLY A 97 3.46 1.54 4.05
N ARG A 98 4.44 2.03 4.80
CA ARG A 98 5.45 1.15 5.40
C ARG A 98 4.80 0.27 6.48
N SER A 99 3.78 0.81 7.14
CA SER A 99 3.07 0.07 8.17
C SER A 99 2.33 -1.12 7.55
N LEU A 100 1.67 -0.89 6.42
CA LEU A 100 1.03 -1.95 5.67
C LEU A 100 2.08 -2.96 5.21
N GLY A 101 3.18 -2.43 4.69
CA GLY A 101 4.24 -3.26 4.15
C GLY A 101 4.80 -4.25 5.16
N GLU A 102 5.24 -3.76 6.31
CA GLU A 102 5.83 -4.62 7.32
C GLU A 102 4.80 -5.64 7.83
N CYS A 103 3.57 -5.17 8.04
CA CYS A 103 2.49 -6.02 8.51
C CYS A 103 2.28 -7.18 7.55
N ILE A 104 2.21 -6.86 6.26
CA ILE A 104 2.03 -7.87 5.23
C ILE A 104 3.23 -8.79 5.15
N GLY A 105 4.42 -8.21 5.18
CA GLY A 105 5.64 -8.99 5.13
C GLY A 105 5.73 -10.00 6.25
N LYS A 106 5.12 -9.68 7.38
CA LYS A 106 5.09 -10.60 8.51
C LYS A 106 4.03 -11.68 8.29
N ASP A 107 2.87 -11.26 7.79
CA ASP A 107 1.75 -12.17 7.61
C ASP A 107 2.05 -13.18 6.52
N PHE A 108 2.59 -12.69 5.41
CA PHE A 108 2.93 -13.54 4.29
C PHE A 108 4.07 -14.49 4.67
N ALA A 109 4.99 -14.00 5.49
CA ALA A 109 6.11 -14.80 5.94
C ALA A 109 5.62 -15.99 6.75
N GLU A 110 4.80 -15.73 7.75
CA GLU A 110 4.26 -16.79 8.59
C GLU A 110 3.31 -17.68 7.81
N LYS A 111 2.69 -17.11 6.78
CA LYS A 111 1.80 -17.87 5.90
C LYS A 111 2.55 -18.94 5.11
N HIS A 112 3.41 -18.51 4.20
CA HIS A 112 4.02 -19.44 3.26
C HIS A 112 5.51 -19.63 3.46
N LEU A 113 6.22 -18.59 3.92
CA LEU A 113 7.66 -18.68 4.08
C LEU A 113 8.03 -19.58 5.26
N ILE A 114 7.19 -19.58 6.29
CA ILE A 114 7.34 -20.53 7.37
C ILE A 114 6.47 -21.76 7.10
N PRO A 115 7.10 -22.90 6.75
CA PRO A 115 6.38 -24.15 6.48
C PRO A 115 6.05 -24.91 7.76
N LYS A 116 6.75 -24.58 8.83
CA LYS A 116 6.56 -25.23 10.11
C LYS A 116 5.92 -24.28 11.10
N MET A 1 -16.87 -11.58 -6.19
CA MET A 1 -18.28 -11.94 -5.93
C MET A 1 -19.13 -10.69 -5.67
N ALA A 2 -18.75 -9.89 -4.68
CA ALA A 2 -19.52 -8.71 -4.33
C ALA A 2 -19.22 -7.53 -5.25
N HIS A 3 -17.98 -7.44 -5.71
CA HIS A 3 -17.56 -6.31 -6.53
C HIS A 3 -17.73 -6.61 -8.01
N HIS A 4 -18.96 -6.81 -8.46
CA HIS A 4 -19.23 -7.05 -9.87
C HIS A 4 -19.29 -5.72 -10.62
N HIS A 5 -20.05 -4.79 -10.07
CA HIS A 5 -20.17 -3.46 -10.66
C HIS A 5 -19.11 -2.55 -10.06
N HIS A 6 -17.94 -2.55 -10.68
CA HIS A 6 -16.83 -1.72 -10.21
C HIS A 6 -17.09 -0.26 -10.52
N HIS A 7 -16.92 0.12 -11.78
CA HIS A 7 -17.14 1.49 -12.23
C HIS A 7 -17.65 1.51 -13.66
N HIS A 8 -16.73 1.41 -14.62
CA HIS A 8 -17.05 1.49 -16.06
C HIS A 8 -17.66 2.84 -16.43
N VAL A 9 -17.52 3.80 -15.53
CA VAL A 9 -17.98 5.16 -15.74
C VAL A 9 -16.95 6.13 -15.20
N ASP A 10 -16.75 7.24 -15.90
CA ASP A 10 -15.76 8.22 -15.49
C ASP A 10 -16.27 9.62 -15.74
N ASP A 11 -16.49 10.36 -14.65
CA ASP A 11 -17.01 11.71 -14.74
C ASP A 11 -15.90 12.70 -15.08
N ASP A 12 -16.01 13.29 -16.26
CA ASP A 12 -15.02 14.23 -16.75
C ASP A 12 -15.69 15.40 -17.46
N ASP A 13 -15.10 16.58 -17.33
CA ASP A 13 -15.60 17.77 -18.03
C ASP A 13 -14.54 18.85 -18.02
N LYS A 14 -14.41 19.56 -19.13
CA LYS A 14 -13.36 20.56 -19.27
C LYS A 14 -13.82 21.94 -18.81
N MET A 15 -15.12 22.12 -18.67
CA MET A 15 -15.66 23.41 -18.26
C MET A 15 -15.96 23.41 -16.77
N GLU A 16 -16.75 22.45 -16.33
CA GLU A 16 -17.09 22.30 -14.93
C GLU A 16 -16.49 21.02 -14.38
N ASP A 17 -15.46 21.16 -13.56
CA ASP A 17 -14.78 20.02 -12.97
C ASP A 17 -15.04 19.98 -11.48
N THR A 18 -14.92 18.80 -10.90
CA THR A 18 -15.11 18.62 -9.48
C THR A 18 -13.78 18.68 -8.74
N ALA A 19 -12.91 19.58 -9.20
CA ALA A 19 -11.58 19.78 -8.62
C ALA A 19 -10.69 18.57 -8.85
N ASN A 20 -9.42 18.71 -8.50
CA ASN A 20 -8.48 17.61 -8.58
C ASN A 20 -7.94 17.32 -7.19
N PRO A 21 -7.90 16.05 -6.79
CA PRO A 21 -7.45 15.66 -5.45
C PRO A 21 -5.95 15.92 -5.26
N ASN A 22 -5.63 16.92 -4.45
CA ASN A 22 -4.23 17.22 -4.13
C ASN A 22 -3.65 16.05 -3.34
N GLU A 23 -4.50 15.41 -2.56
CA GLU A 23 -4.14 14.20 -1.84
C GLU A 23 -5.33 13.26 -1.87
N MET A 24 -5.12 12.03 -1.45
CA MET A 24 -6.16 11.02 -1.51
C MET A 24 -6.70 10.73 -0.12
N THR A 25 -7.96 10.32 -0.06
CA THR A 25 -8.58 10.01 1.23
C THR A 25 -8.05 8.70 1.78
N LYS A 26 -8.35 8.39 3.03
CA LYS A 26 -7.88 7.14 3.62
C LYS A 26 -8.37 5.95 2.81
N ASP A 27 -9.56 6.07 2.24
CA ASP A 27 -10.14 5.00 1.43
C ASP A 27 -9.53 4.97 0.04
N ALA A 28 -9.45 6.14 -0.59
CA ALA A 28 -8.92 6.24 -1.95
C ALA A 28 -7.45 5.84 -1.99
N TRP A 29 -6.71 6.20 -0.95
CA TRP A 29 -5.31 5.82 -0.86
C TRP A 29 -5.19 4.31 -0.84
N LEU A 30 -5.91 3.67 0.08
CA LEU A 30 -5.91 2.22 0.19
C LEU A 30 -6.32 1.58 -1.12
N ASN A 31 -7.31 2.17 -1.77
CA ASN A 31 -7.85 1.65 -3.02
C ASN A 31 -6.76 1.53 -4.08
N SER A 32 -5.88 2.51 -4.14
CA SER A 32 -4.83 2.56 -5.13
C SER A 32 -3.57 1.86 -4.62
N MET A 33 -3.37 1.89 -3.32
CA MET A 33 -2.11 1.44 -2.71
C MET A 33 -2.09 -0.08 -2.54
N THR A 34 -3.23 -0.65 -2.19
CA THR A 34 -3.31 -2.08 -1.89
C THR A 34 -2.71 -2.98 -2.98
N PRO A 35 -3.09 -2.81 -4.27
CA PRO A 35 -2.62 -3.70 -5.33
C PRO A 35 -1.21 -3.35 -5.80
N LEU A 36 -0.67 -2.25 -5.29
CA LEU A 36 0.70 -1.85 -5.58
C LEU A 36 1.65 -2.55 -4.61
N LEU A 37 1.09 -2.99 -3.49
CA LEU A 37 1.87 -3.63 -2.45
C LEU A 37 2.45 -4.97 -2.91
N PRO A 38 1.64 -5.89 -3.49
CA PRO A 38 2.13 -7.20 -3.95
C PRO A 38 3.40 -7.11 -4.78
N ASP A 39 3.47 -6.10 -5.63
CA ASP A 39 4.63 -5.89 -6.49
C ASP A 39 5.87 -5.63 -5.64
N LEU A 40 5.76 -4.66 -4.74
CA LEU A 40 6.88 -4.25 -3.90
C LEU A 40 7.23 -5.34 -2.88
N ILE A 41 6.20 -5.93 -2.29
CA ILE A 41 6.38 -6.92 -1.23
C ILE A 41 7.15 -8.13 -1.74
N CYS A 42 6.71 -8.71 -2.85
CA CYS A 42 7.36 -9.91 -3.37
C CYS A 42 8.79 -9.62 -3.76
N LYS A 43 9.01 -8.46 -4.38
CA LYS A 43 10.35 -8.03 -4.77
C LYS A 43 11.25 -7.92 -3.54
N GLY A 44 10.66 -7.54 -2.41
CA GLY A 44 11.41 -7.39 -1.17
C GLY A 44 11.97 -8.70 -0.67
N PHE A 45 11.28 -9.79 -1.01
CA PHE A 45 11.74 -11.13 -0.61
C PHE A 45 12.80 -11.64 -1.57
N ILE A 46 12.95 -10.94 -2.68
CA ILE A 46 13.92 -11.32 -3.71
C ILE A 46 15.18 -10.46 -3.58
N GLN A 47 14.98 -9.17 -3.39
CA GLN A 47 16.08 -8.22 -3.31
C GLN A 47 16.88 -8.38 -2.03
N ASP A 48 16.23 -8.83 -0.97
CA ASP A 48 16.90 -9.12 0.27
C ASP A 48 17.41 -10.55 0.28
N PRO A 49 18.74 -10.73 0.26
CA PRO A 49 19.36 -12.06 0.24
C PRO A 49 18.95 -12.89 1.46
N ASP A 50 18.70 -12.19 2.55
CA ASP A 50 18.21 -12.82 3.78
C ASP A 50 16.87 -13.48 3.53
N LEU A 51 15.96 -12.71 2.99
CA LEU A 51 14.60 -13.12 2.75
C LEU A 51 14.52 -14.09 1.58
N LYS A 52 15.40 -13.88 0.60
CA LYS A 52 15.45 -14.72 -0.59
C LYS A 52 15.68 -16.19 -0.21
N LYS A 53 16.34 -16.38 0.93
CA LYS A 53 16.56 -17.71 1.47
C LYS A 53 15.24 -18.47 1.58
N ARG A 54 14.28 -17.85 2.23
CA ARG A 54 13.01 -18.50 2.52
C ARG A 54 12.11 -18.48 1.28
N PHE A 55 12.34 -17.48 0.45
CA PHE A 55 11.61 -17.33 -0.80
C PHE A 55 11.92 -18.50 -1.74
N ASP A 56 13.19 -18.86 -1.82
CA ASP A 56 13.62 -19.96 -2.67
C ASP A 56 13.30 -21.30 -2.02
N GLU A 57 13.26 -21.33 -0.69
CA GLU A 57 12.90 -22.53 0.06
C GLU A 57 11.52 -23.03 -0.33
N ILE A 58 10.58 -22.10 -0.46
CA ILE A 58 9.20 -22.45 -0.78
C ILE A 58 9.02 -22.52 -2.30
N LYS A 59 10.11 -22.25 -3.01
CA LYS A 59 10.13 -22.28 -4.48
C LYS A 59 9.06 -21.36 -5.05
N MET A 60 8.85 -20.24 -4.38
CA MET A 60 7.81 -19.32 -4.74
C MET A 60 8.33 -18.26 -5.70
N THR A 61 7.48 -17.79 -6.59
CA THR A 61 7.88 -16.80 -7.57
C THR A 61 7.03 -15.53 -7.42
N TYR A 62 7.46 -14.47 -8.09
CA TYR A 62 6.79 -13.17 -8.00
C TYR A 62 5.28 -13.30 -8.25
N GLU A 63 4.92 -13.99 -9.33
CA GLU A 63 3.53 -14.11 -9.73
C GLU A 63 2.73 -14.94 -8.72
N GLN A 64 3.42 -15.78 -7.97
CA GLN A 64 2.79 -16.58 -6.93
C GLN A 64 2.47 -15.71 -5.73
N CYS A 65 3.35 -14.76 -5.44
CA CYS A 65 3.17 -13.89 -4.29
C CYS A 65 1.99 -12.96 -4.51
N VAL A 66 1.92 -12.37 -5.70
CA VAL A 66 0.96 -11.29 -5.95
C VAL A 66 -0.49 -11.75 -5.92
N THR A 67 -0.72 -13.06 -5.95
CA THR A 67 -2.08 -13.57 -5.79
C THR A 67 -2.36 -13.88 -4.32
N LEU A 68 -1.30 -13.92 -3.52
CA LEU A 68 -1.41 -14.22 -2.09
C LEU A 68 -1.36 -12.95 -1.25
N ILE A 69 -0.59 -11.97 -1.72
CA ILE A 69 -0.47 -10.68 -1.02
C ILE A 69 -1.83 -9.99 -0.80
N PRO A 70 -2.74 -9.99 -1.81
CA PRO A 70 -4.11 -9.44 -1.65
C PRO A 70 -4.85 -9.98 -0.43
N GLU A 71 -4.40 -11.11 0.10
CA GLU A 71 -4.98 -11.69 1.30
C GLU A 71 -4.55 -10.89 2.52
N SER A 72 -3.30 -10.46 2.51
CA SER A 72 -2.72 -9.74 3.64
C SER A 72 -2.94 -8.23 3.50
N THR A 73 -3.10 -7.75 2.27
CA THR A 73 -3.36 -6.33 2.03
C THR A 73 -4.61 -5.88 2.76
N LYS A 74 -5.71 -6.58 2.49
CA LYS A 74 -6.99 -6.29 3.12
C LYS A 74 -6.91 -6.52 4.63
N LYS A 75 -6.16 -7.54 5.01
CA LYS A 75 -6.00 -7.89 6.42
C LYS A 75 -5.34 -6.74 7.18
N CYS A 76 -4.18 -6.31 6.70
CA CYS A 76 -3.43 -5.25 7.37
C CYS A 76 -4.07 -3.88 7.12
N GLN A 77 -4.91 -3.80 6.10
CA GLN A 77 -5.65 -2.58 5.80
C GLN A 77 -6.54 -2.21 6.98
N ASP A 78 -7.46 -3.11 7.33
CA ASP A 78 -8.41 -2.85 8.41
C ASP A 78 -7.72 -2.68 9.76
N GLU A 79 -6.47 -3.14 9.83
CA GLU A 79 -5.65 -2.94 11.02
C GLU A 79 -5.38 -1.46 11.23
N LEU A 80 -4.69 -0.87 10.28
CA LEU A 80 -4.20 0.50 10.39
C LEU A 80 -5.29 1.51 10.00
N TYR A 81 -6.22 1.08 9.14
CA TYR A 81 -7.34 1.93 8.70
C TYR A 81 -8.02 2.62 9.87
N ALA A 82 -8.11 1.93 11.00
CA ALA A 82 -8.73 2.48 12.20
C ALA A 82 -7.97 3.70 12.73
N SER A 83 -6.66 3.67 12.58
CA SER A 83 -5.80 4.74 13.09
C SER A 83 -5.58 5.81 12.03
N MET A 84 -5.78 5.43 10.77
CA MET A 84 -5.59 6.34 9.64
C MET A 84 -6.53 7.53 9.71
N PRO A 85 -6.01 8.73 9.37
CA PRO A 85 -6.80 9.97 9.36
C PRO A 85 -7.76 10.03 8.17
N ASP A 86 -8.53 11.10 8.06
CA ASP A 86 -9.52 11.25 6.99
C ASP A 86 -8.84 11.20 5.63
N LYS A 87 -7.86 12.06 5.44
CA LYS A 87 -7.13 12.11 4.18
C LYS A 87 -5.70 11.64 4.37
N ILE A 88 -5.09 11.23 3.29
CA ILE A 88 -3.71 10.75 3.31
C ILE A 88 -2.84 11.61 2.40
N ASN A 89 -1.96 12.38 3.01
CA ASN A 89 -1.07 13.26 2.27
C ASN A 89 0.19 12.49 1.86
N SER A 90 1.11 13.14 1.17
CA SER A 90 2.32 12.48 0.70
C SER A 90 3.12 11.88 1.86
N GLU A 91 3.34 12.68 2.89
CA GLU A 91 4.03 12.21 4.10
C GLU A 91 3.24 11.09 4.77
N THR A 92 1.93 11.28 4.81
CA THR A 92 1.04 10.33 5.46
C THR A 92 1.07 8.98 4.75
N ALA A 93 1.15 9.06 3.42
CA ALA A 93 1.24 7.88 2.59
C ALA A 93 2.45 7.03 2.96
N GLY A 94 3.58 7.69 3.19
CA GLY A 94 4.79 6.99 3.59
C GLY A 94 4.63 6.33 4.94
N THR A 95 4.01 7.04 5.88
CA THR A 95 3.80 6.54 7.23
C THR A 95 3.02 5.22 7.24
N TRP A 96 1.91 5.18 6.53
CA TRP A 96 1.05 4.00 6.55
C TRP A 96 1.50 2.97 5.52
N GLY A 97 2.13 3.45 4.45
CA GLY A 97 2.62 2.56 3.41
C GLY A 97 3.64 1.57 3.94
N ARG A 98 4.63 2.09 4.66
CA ARG A 98 5.65 1.25 5.28
C ARG A 98 5.01 0.31 6.30
N SER A 99 4.02 0.81 7.01
CA SER A 99 3.32 0.05 8.04
C SER A 99 2.58 -1.14 7.41
N LEU A 100 1.93 -0.90 6.29
CA LEU A 100 1.29 -1.98 5.54
C LEU A 100 2.34 -2.96 5.05
N GLY A 101 3.40 -2.42 4.47
CA GLY A 101 4.45 -3.25 3.91
C GLY A 101 5.09 -4.19 4.92
N GLU A 102 5.49 -3.65 6.07
CA GLU A 102 6.14 -4.45 7.09
C GLU A 102 5.17 -5.47 7.70
N CYS A 103 3.92 -5.05 7.87
CA CYS A 103 2.89 -5.94 8.40
C CYS A 103 2.66 -7.10 7.45
N ILE A 104 2.43 -6.77 6.18
CA ILE A 104 2.18 -7.77 5.15
C ILE A 104 3.41 -8.65 4.96
N GLY A 105 4.58 -8.04 4.96
CA GLY A 105 5.83 -8.77 4.81
C GLY A 105 5.97 -9.85 5.86
N LYS A 106 5.42 -9.59 7.03
CA LYS A 106 5.46 -10.57 8.11
C LYS A 106 4.34 -11.58 7.97
N ASP A 107 3.15 -11.08 7.65
CA ASP A 107 1.97 -11.94 7.59
C ASP A 107 2.07 -12.91 6.43
N PHE A 108 2.53 -12.42 5.29
CA PHE A 108 2.74 -13.26 4.12
C PHE A 108 3.82 -14.29 4.41
N ALA A 109 4.82 -13.88 5.17
CA ALA A 109 5.89 -14.78 5.58
C ALA A 109 5.33 -15.90 6.44
N GLU A 110 4.60 -15.53 7.48
CA GLU A 110 4.04 -16.49 8.42
C GLU A 110 3.01 -17.40 7.76
N LYS A 111 2.49 -16.97 6.61
CA LYS A 111 1.47 -17.73 5.93
C LYS A 111 2.08 -18.73 4.95
N HIS A 112 2.92 -18.24 4.06
CA HIS A 112 3.44 -19.09 3.00
C HIS A 112 4.93 -19.39 3.13
N LEU A 113 5.71 -18.39 3.52
CA LEU A 113 7.16 -18.56 3.63
C LEU A 113 7.51 -19.52 4.76
N ILE A 114 6.69 -19.52 5.80
CA ILE A 114 6.89 -20.41 6.92
C ILE A 114 6.38 -21.82 6.58
N PRO A 115 7.30 -22.78 6.46
CA PRO A 115 6.95 -24.17 6.11
C PRO A 115 6.37 -24.93 7.29
N LYS A 116 6.28 -24.25 8.42
CA LYS A 116 5.78 -24.83 9.64
C LYS A 116 4.32 -24.45 9.84
N MET A 1 -23.46 -0.83 -14.50
CA MET A 1 -23.21 0.61 -14.81
C MET A 1 -21.84 1.03 -14.32
N ALA A 2 -20.80 0.30 -14.74
CA ALA A 2 -19.44 0.64 -14.39
C ALA A 2 -18.87 1.61 -15.40
N HIS A 3 -18.11 2.60 -14.92
CA HIS A 3 -17.58 3.62 -15.79
C HIS A 3 -16.29 4.19 -15.20
N HIS A 4 -15.31 4.42 -16.06
CA HIS A 4 -14.04 4.99 -15.63
C HIS A 4 -13.60 6.07 -16.61
N HIS A 5 -14.26 7.22 -16.53
CA HIS A 5 -13.98 8.33 -17.43
C HIS A 5 -12.70 9.05 -16.99
N HIS A 6 -11.57 8.40 -17.19
CA HIS A 6 -10.28 8.99 -16.84
C HIS A 6 -9.25 8.70 -17.93
N HIS A 7 -9.37 9.42 -19.04
CA HIS A 7 -8.42 9.29 -20.13
C HIS A 7 -7.41 10.43 -20.06
N HIS A 8 -6.29 10.26 -20.76
CA HIS A 8 -5.22 11.26 -20.79
C HIS A 8 -4.64 11.47 -19.39
N VAL A 9 -4.66 10.41 -18.60
CA VAL A 9 -4.18 10.48 -17.22
C VAL A 9 -2.76 9.93 -17.13
N ASP A 10 -2.08 10.26 -16.04
CA ASP A 10 -0.69 9.85 -15.86
C ASP A 10 -0.51 9.22 -14.49
N ASP A 11 -0.10 7.96 -14.48
CA ASP A 11 0.07 7.21 -13.22
C ASP A 11 1.36 7.61 -12.52
N ASP A 12 2.38 7.97 -13.30
CA ASP A 12 3.64 8.41 -12.72
C ASP A 12 3.79 9.93 -12.84
N ASP A 13 2.74 10.54 -13.38
CA ASP A 13 2.67 12.00 -13.58
C ASP A 13 3.70 12.48 -14.60
N LYS A 14 3.22 12.84 -15.78
CA LYS A 14 4.10 13.28 -16.85
C LYS A 14 4.08 14.81 -16.95
N MET A 15 3.71 15.45 -15.85
CA MET A 15 3.66 16.90 -15.78
C MET A 15 4.19 17.39 -14.44
N GLU A 16 4.51 18.67 -14.36
CA GLU A 16 4.90 19.27 -13.10
C GLU A 16 3.70 20.00 -12.50
N ASP A 17 2.56 19.31 -12.49
CA ASP A 17 1.30 19.91 -12.09
C ASP A 17 1.24 20.07 -10.58
N THR A 18 0.79 21.22 -10.14
CA THR A 18 0.63 21.50 -8.71
C THR A 18 -0.74 22.12 -8.46
N ALA A 19 -1.72 21.70 -9.25
CA ALA A 19 -3.07 22.22 -9.14
C ALA A 19 -4.03 21.14 -8.68
N ASN A 20 -5.12 21.55 -8.02
CA ASN A 20 -6.12 20.62 -7.51
C ASN A 20 -5.59 19.81 -6.34
N PRO A 21 -6.46 19.38 -5.43
CA PRO A 21 -6.06 18.59 -4.26
C PRO A 21 -5.42 17.27 -4.65
N ASN A 22 -4.09 17.23 -4.60
CA ASN A 22 -3.34 16.01 -4.92
C ASN A 22 -3.43 15.04 -3.76
N GLU A 23 -3.83 15.56 -2.61
CA GLU A 23 -3.98 14.75 -1.41
C GLU A 23 -5.20 13.85 -1.55
N MET A 24 -5.00 12.58 -1.31
CA MET A 24 -6.03 11.57 -1.49
C MET A 24 -6.62 11.20 -0.14
N THR A 25 -7.82 10.64 -0.15
CA THR A 25 -8.46 10.24 1.08
C THR A 25 -7.91 8.91 1.57
N LYS A 26 -8.11 8.61 2.84
CA LYS A 26 -7.63 7.34 3.39
C LYS A 26 -8.17 6.16 2.57
N ASP A 27 -9.43 6.26 2.17
CA ASP A 27 -10.09 5.18 1.46
C ASP A 27 -9.54 5.04 0.04
N ALA A 28 -9.43 6.17 -0.65
CA ALA A 28 -8.96 6.17 -2.02
C ALA A 28 -7.51 5.75 -2.09
N TRP A 29 -6.72 6.18 -1.11
CA TRP A 29 -5.33 5.78 -1.04
C TRP A 29 -5.24 4.28 -0.85
N LEU A 30 -5.99 3.75 0.11
CA LEU A 30 -6.04 2.31 0.36
C LEU A 30 -6.44 1.56 -0.91
N ASN A 31 -7.46 2.08 -1.59
CA ASN A 31 -7.98 1.45 -2.80
C ASN A 31 -6.93 1.42 -3.90
N SER A 32 -6.11 2.47 -3.96
CA SER A 32 -5.08 2.58 -4.97
C SER A 32 -3.80 1.86 -4.55
N MET A 33 -3.63 1.69 -3.25
CA MET A 33 -2.38 1.18 -2.69
C MET A 33 -2.41 -0.34 -2.55
N THR A 34 -3.59 -0.86 -2.22
CA THR A 34 -3.74 -2.29 -1.94
C THR A 34 -3.18 -3.21 -3.04
N PRO A 35 -3.54 -3.01 -4.31
CA PRO A 35 -3.07 -3.88 -5.38
C PRO A 35 -1.64 -3.56 -5.83
N LEU A 36 -1.10 -2.48 -5.29
CA LEU A 36 0.29 -2.10 -5.56
C LEU A 36 1.20 -2.71 -4.51
N LEU A 37 0.61 -3.08 -3.38
CA LEU A 37 1.37 -3.66 -2.28
C LEU A 37 2.09 -4.95 -2.68
N PRO A 38 1.41 -5.90 -3.37
CA PRO A 38 2.03 -7.15 -3.82
C PRO A 38 3.37 -6.93 -4.52
N ASP A 39 3.46 -5.87 -5.31
CA ASP A 39 4.68 -5.57 -6.04
C ASP A 39 5.81 -5.23 -5.07
N LEU A 40 5.53 -4.36 -4.12
CA LEU A 40 6.54 -3.92 -3.16
C LEU A 40 6.87 -5.02 -2.16
N ILE A 41 5.85 -5.78 -1.74
CA ILE A 41 6.04 -6.82 -0.74
C ILE A 41 6.92 -7.94 -1.29
N CYS A 42 6.50 -8.51 -2.42
CA CYS A 42 7.21 -9.64 -3.01
C CYS A 42 8.63 -9.26 -3.38
N LYS A 43 8.82 -8.04 -3.89
CA LYS A 43 10.14 -7.56 -4.26
C LYS A 43 11.02 -7.40 -3.04
N GLY A 44 10.42 -7.11 -1.89
CA GLY A 44 11.18 -6.98 -0.66
C GLY A 44 11.90 -8.26 -0.30
N PHE A 45 11.20 -9.38 -0.44
CA PHE A 45 11.77 -10.70 -0.15
C PHE A 45 12.84 -11.05 -1.17
N ILE A 46 12.74 -10.45 -2.35
CA ILE A 46 13.67 -10.74 -3.43
C ILE A 46 14.92 -9.87 -3.28
N GLN A 47 14.71 -8.60 -2.92
CA GLN A 47 15.81 -7.65 -2.74
C GLN A 47 16.74 -8.09 -1.62
N ASP A 48 16.17 -8.60 -0.53
CA ASP A 48 16.94 -9.07 0.59
C ASP A 48 17.45 -10.47 0.32
N PRO A 49 18.78 -10.63 0.20
CA PRO A 49 19.41 -11.93 -0.06
C PRO A 49 19.08 -12.94 1.03
N ASP A 50 18.93 -12.42 2.24
CA ASP A 50 18.54 -13.23 3.40
C ASP A 50 17.18 -13.84 3.19
N LEU A 51 16.24 -12.99 2.82
CA LEU A 51 14.86 -13.37 2.66
C LEU A 51 14.66 -14.21 1.40
N LYS A 52 15.44 -13.92 0.36
CA LYS A 52 15.37 -14.66 -0.89
C LYS A 52 15.68 -16.12 -0.66
N LYS A 53 16.43 -16.40 0.41
CA LYS A 53 16.74 -17.77 0.79
C LYS A 53 15.46 -18.57 1.01
N ARG A 54 14.57 -18.01 1.83
CA ARG A 54 13.34 -18.69 2.20
C ARG A 54 12.34 -18.63 1.06
N PHE A 55 12.46 -17.57 0.27
CA PHE A 55 11.64 -17.40 -0.92
C PHE A 55 11.92 -18.53 -1.91
N ASP A 56 13.19 -18.93 -1.99
CA ASP A 56 13.59 -20.05 -2.85
C ASP A 56 13.31 -21.38 -2.18
N GLU A 57 13.37 -21.43 -0.85
CA GLU A 57 13.10 -22.66 -0.11
C GLU A 57 11.72 -23.20 -0.42
N ILE A 58 10.75 -22.30 -0.54
CA ILE A 58 9.39 -22.69 -0.84
C ILE A 58 9.17 -22.73 -2.35
N LYS A 59 10.24 -22.37 -3.08
CA LYS A 59 10.23 -22.34 -4.54
C LYS A 59 9.11 -21.45 -5.05
N MET A 60 8.99 -20.27 -4.47
CA MET A 60 7.93 -19.36 -4.81
C MET A 60 8.44 -18.24 -5.71
N THR A 61 7.62 -17.85 -6.68
CA THR A 61 7.99 -16.79 -7.60
C THR A 61 7.22 -15.51 -7.31
N TYR A 62 7.61 -14.41 -7.95
CA TYR A 62 6.90 -13.15 -7.81
C TYR A 62 5.42 -13.33 -8.18
N GLU A 63 5.19 -13.98 -9.31
CA GLU A 63 3.84 -14.21 -9.82
C GLU A 63 2.99 -15.00 -8.82
N GLN A 64 3.60 -15.98 -8.16
CA GLN A 64 2.90 -16.79 -7.19
C GLN A 64 2.64 -16.01 -5.90
N CYS A 65 3.55 -15.09 -5.60
CA CYS A 65 3.46 -14.31 -4.38
C CYS A 65 2.40 -13.22 -4.49
N VAL A 66 2.37 -12.51 -5.61
CA VAL A 66 1.46 -11.37 -5.79
C VAL A 66 0.00 -11.78 -5.83
N THR A 67 -0.29 -13.08 -5.95
CA THR A 67 -1.66 -13.53 -5.92
C THR A 67 -2.07 -13.86 -4.48
N LEU A 68 -1.09 -13.94 -3.60
CA LEU A 68 -1.34 -14.29 -2.21
C LEU A 68 -1.40 -13.03 -1.35
N ILE A 69 -0.61 -12.03 -1.74
CA ILE A 69 -0.54 -10.75 -1.02
C ILE A 69 -1.92 -10.07 -0.85
N PRO A 70 -2.78 -10.05 -1.90
CA PRO A 70 -4.14 -9.46 -1.81
C PRO A 70 -4.96 -9.96 -0.61
N GLU A 71 -4.55 -11.07 -0.03
CA GLU A 71 -5.18 -11.59 1.18
C GLU A 71 -4.74 -10.75 2.39
N SER A 72 -3.44 -10.50 2.48
CA SER A 72 -2.88 -9.78 3.60
C SER A 72 -3.05 -8.26 3.44
N THR A 73 -3.23 -7.81 2.19
CA THR A 73 -3.45 -6.39 1.93
C THR A 73 -4.65 -5.86 2.71
N LYS A 74 -5.79 -6.54 2.52
CA LYS A 74 -7.02 -6.15 3.19
C LYS A 74 -6.88 -6.33 4.70
N LYS A 75 -6.22 -7.41 5.10
CA LYS A 75 -5.96 -7.69 6.51
C LYS A 75 -5.30 -6.48 7.18
N CYS A 76 -4.18 -6.05 6.62
CA CYS A 76 -3.41 -4.97 7.22
C CYS A 76 -4.08 -3.62 6.95
N GLN A 77 -4.96 -3.57 5.96
CA GLN A 77 -5.72 -2.37 5.68
C GLN A 77 -6.68 -2.08 6.83
N ASP A 78 -7.44 -3.10 7.23
CA ASP A 78 -8.36 -2.97 8.36
C ASP A 78 -7.62 -2.75 9.67
N GLU A 79 -6.34 -3.12 9.69
CA GLU A 79 -5.50 -2.85 10.85
C GLU A 79 -5.32 -1.35 11.07
N LEU A 80 -4.79 -0.71 10.06
CA LEU A 80 -4.34 0.67 10.17
C LEU A 80 -5.47 1.66 9.89
N TYR A 81 -6.45 1.25 9.08
CA TYR A 81 -7.57 2.11 8.67
C TYR A 81 -8.16 2.91 9.85
N ALA A 82 -8.31 2.26 10.98
CA ALA A 82 -8.90 2.90 12.17
C ALA A 82 -8.02 4.05 12.68
N SER A 83 -6.71 3.90 12.55
CA SER A 83 -5.78 4.89 13.05
C SER A 83 -5.46 5.93 11.98
N MET A 84 -5.75 5.59 10.73
CA MET A 84 -5.50 6.47 9.60
C MET A 84 -6.40 7.69 9.64
N PRO A 85 -5.84 8.87 9.32
CA PRO A 85 -6.60 10.12 9.25
C PRO A 85 -7.55 10.14 8.05
N ASP A 86 -8.40 11.14 7.98
CA ASP A 86 -9.38 11.24 6.89
C ASP A 86 -8.69 11.27 5.54
N LYS A 87 -7.69 12.12 5.40
CA LYS A 87 -6.96 12.24 4.15
C LYS A 87 -5.49 11.89 4.32
N ILE A 88 -4.86 11.56 3.21
CA ILE A 88 -3.50 11.03 3.20
C ILE A 88 -2.62 11.83 2.25
N ASN A 89 -1.60 12.47 2.80
CA ASN A 89 -0.69 13.26 1.99
C ASN A 89 0.53 12.41 1.60
N SER A 90 1.45 12.99 0.84
CA SER A 90 2.61 12.26 0.34
C SER A 90 3.40 11.60 1.48
N GLU A 91 3.67 12.36 2.54
CA GLU A 91 4.39 11.82 3.69
C GLU A 91 3.55 10.79 4.41
N THR A 92 2.25 11.07 4.52
CA THR A 92 1.32 10.21 5.22
C THR A 92 1.23 8.86 4.50
N ALA A 93 1.27 8.92 3.17
CA ALA A 93 1.22 7.73 2.33
C ALA A 93 2.33 6.76 2.69
N GLY A 94 3.55 7.25 2.70
CA GLY A 94 4.68 6.41 3.05
C GLY A 94 4.60 5.89 4.47
N THR A 95 4.08 6.74 5.35
CA THR A 95 3.95 6.41 6.77
C THR A 95 3.06 5.18 6.98
N TRP A 96 1.95 5.11 6.25
CA TRP A 96 1.04 3.98 6.39
C TRP A 96 1.41 2.86 5.41
N GLY A 97 1.99 3.23 4.29
CA GLY A 97 2.44 2.25 3.32
C GLY A 97 3.48 1.31 3.91
N ARG A 98 4.41 1.87 4.68
CA ARG A 98 5.42 1.07 5.34
C ARG A 98 4.80 0.18 6.42
N SER A 99 3.76 0.71 7.08
CA SER A 99 3.05 -0.06 8.09
C SER A 99 2.36 -1.25 7.46
N LEU A 100 1.82 -1.06 6.27
CA LEU A 100 1.25 -2.15 5.50
C LEU A 100 2.33 -3.15 5.15
N GLY A 101 3.44 -2.66 4.62
CA GLY A 101 4.54 -3.50 4.21
C GLY A 101 5.07 -4.39 5.33
N GLU A 102 5.40 -3.78 6.46
CA GLU A 102 5.97 -4.52 7.59
C GLU A 102 4.97 -5.53 8.15
N CYS A 103 3.69 -5.24 8.00
CA CYS A 103 2.64 -6.13 8.46
C CYS A 103 2.41 -7.26 7.47
N ILE A 104 2.27 -6.91 6.20
CA ILE A 104 1.98 -7.87 5.15
C ILE A 104 3.13 -8.83 4.92
N GLY A 105 4.36 -8.30 4.89
CA GLY A 105 5.51 -9.14 4.64
C GLY A 105 5.69 -10.14 5.74
N LYS A 106 5.31 -9.72 6.93
CA LYS A 106 5.37 -10.54 8.10
C LYS A 106 4.30 -11.63 8.05
N ASP A 107 3.10 -11.24 7.63
CA ASP A 107 1.97 -12.16 7.55
C ASP A 107 2.17 -13.16 6.42
N PHE A 108 2.61 -12.65 5.28
CA PHE A 108 2.90 -13.49 4.12
C PHE A 108 4.01 -14.47 4.43
N ALA A 109 5.02 -14.00 5.17
CA ALA A 109 6.11 -14.85 5.61
C ALA A 109 5.56 -16.02 6.40
N GLU A 110 4.73 -15.72 7.40
CA GLU A 110 4.12 -16.74 8.23
C GLU A 110 3.19 -17.64 7.43
N LYS A 111 2.61 -17.09 6.37
CA LYS A 111 1.72 -17.86 5.51
C LYS A 111 2.47 -18.98 4.80
N HIS A 112 3.35 -18.62 3.89
CA HIS A 112 3.97 -19.61 3.00
C HIS A 112 5.46 -19.81 3.28
N LEU A 113 6.17 -18.74 3.59
CA LEU A 113 7.62 -18.85 3.76
C LEU A 113 7.95 -19.63 5.03
N ILE A 114 7.12 -19.47 6.05
CA ILE A 114 7.20 -20.29 7.23
C ILE A 114 6.27 -21.48 7.09
N PRO A 115 6.82 -22.69 6.93
CA PRO A 115 6.02 -23.92 6.80
C PRO A 115 5.20 -24.20 8.05
N LYS A 116 5.61 -23.59 9.15
CA LYS A 116 4.93 -23.75 10.42
C LYS A 116 3.88 -22.66 10.58
N MET A 1 4.97 34.03 -10.23
CA MET A 1 3.82 33.46 -9.49
C MET A 1 3.32 34.44 -8.44
N ALA A 2 2.57 35.43 -8.88
CA ALA A 2 1.98 36.41 -7.99
C ALA A 2 0.53 36.66 -8.38
N HIS A 3 -0.38 36.27 -7.50
CA HIS A 3 -1.82 36.42 -7.76
C HIS A 3 -2.21 37.88 -7.87
N HIS A 4 -1.47 38.73 -7.18
CA HIS A 4 -1.74 40.17 -7.18
C HIS A 4 -1.37 40.80 -8.52
N HIS A 5 -2.25 40.66 -9.49
CA HIS A 5 -2.03 41.25 -10.82
C HIS A 5 -2.82 42.56 -10.95
N HIS A 6 -4.11 42.44 -11.25
CA HIS A 6 -4.95 43.63 -11.41
C HIS A 6 -5.68 43.93 -10.12
N HIS A 7 -5.93 42.90 -9.32
CA HIS A 7 -6.63 43.05 -8.05
C HIS A 7 -5.72 43.76 -7.05
N HIS A 8 -6.02 45.02 -6.78
CA HIS A 8 -5.20 45.82 -5.88
C HIS A 8 -5.69 45.69 -4.44
N VAL A 9 -6.90 45.19 -4.29
CA VAL A 9 -7.48 44.96 -2.97
C VAL A 9 -8.09 43.57 -2.87
N ASP A 10 -8.50 43.20 -1.67
CA ASP A 10 -9.12 41.90 -1.40
C ASP A 10 -8.16 40.76 -1.69
N ASP A 11 -6.90 40.95 -1.34
CA ASP A 11 -5.90 39.90 -1.48
C ASP A 11 -6.08 38.85 -0.40
N ASP A 12 -6.27 39.32 0.82
CA ASP A 12 -6.39 38.44 1.97
C ASP A 12 -7.74 37.74 1.97
N ASP A 13 -7.71 36.44 2.24
CA ASP A 13 -8.95 35.66 2.31
C ASP A 13 -8.82 34.59 3.37
N LYS A 14 -9.94 34.09 3.86
CA LYS A 14 -9.96 33.07 4.88
C LYS A 14 -10.64 31.81 4.38
N MET A 15 -10.61 31.64 3.06
CA MET A 15 -11.27 30.50 2.42
C MET A 15 -10.31 29.33 2.33
N GLU A 16 -10.01 28.73 3.46
CA GLU A 16 -9.08 27.59 3.50
C GLU A 16 -9.86 26.28 3.49
N ASP A 17 -10.83 26.18 2.61
CA ASP A 17 -11.65 24.99 2.48
C ASP A 17 -10.95 23.95 1.61
N THR A 18 -11.58 22.81 1.44
CA THR A 18 -11.03 21.75 0.61
C THR A 18 -12.14 21.00 -0.11
N ALA A 19 -12.74 21.64 -1.09
CA ALA A 19 -13.72 20.97 -1.93
C ALA A 19 -13.01 20.01 -2.88
N ASN A 20 -11.91 20.49 -3.43
CA ASN A 20 -11.07 19.66 -4.28
C ASN A 20 -9.79 19.33 -3.53
N PRO A 21 -9.59 18.04 -3.22
CA PRO A 21 -8.44 17.58 -2.46
C PRO A 21 -7.15 17.59 -3.29
N ASN A 22 -6.07 18.02 -2.66
CA ASN A 22 -4.77 18.07 -3.33
C ASN A 22 -4.12 16.69 -3.26
N GLU A 23 -4.54 15.91 -2.29
CA GLU A 23 -4.03 14.56 -2.09
C GLU A 23 -5.16 13.55 -2.23
N MET A 24 -4.87 12.30 -1.89
CA MET A 24 -5.88 11.26 -1.92
C MET A 24 -6.40 11.02 -0.51
N THR A 25 -7.63 10.54 -0.40
CA THR A 25 -8.21 10.29 0.91
C THR A 25 -7.70 8.97 1.46
N LYS A 26 -7.85 8.77 2.77
CA LYS A 26 -7.38 7.54 3.41
C LYS A 26 -7.94 6.30 2.71
N ASP A 27 -9.22 6.33 2.42
CA ASP A 27 -9.92 5.17 1.88
C ASP A 27 -9.53 4.94 0.43
N ALA A 28 -9.44 6.02 -0.33
CA ALA A 28 -9.08 5.94 -1.73
C ALA A 28 -7.63 5.47 -1.91
N TRP A 29 -6.75 6.01 -1.06
CA TRP A 29 -5.36 5.59 -1.07
C TRP A 29 -5.27 4.09 -0.84
N LEU A 30 -5.93 3.62 0.21
CA LEU A 30 -5.96 2.21 0.54
C LEU A 30 -6.49 1.39 -0.63
N ASN A 31 -7.54 1.90 -1.28
CA ASN A 31 -8.19 1.19 -2.38
C ASN A 31 -7.23 0.99 -3.55
N SER A 32 -6.42 1.99 -3.81
CA SER A 32 -5.49 1.95 -4.93
C SER A 32 -4.16 1.32 -4.52
N MET A 33 -3.83 1.44 -3.25
CA MET A 33 -2.52 1.02 -2.75
C MET A 33 -2.49 -0.48 -2.47
N THR A 34 -3.62 -1.02 -2.03
CA THR A 34 -3.70 -2.42 -1.65
C THR A 34 -3.21 -3.38 -2.75
N PRO A 35 -3.69 -3.25 -4.00
CA PRO A 35 -3.29 -4.18 -5.06
C PRO A 35 -1.90 -3.86 -5.60
N LEU A 36 -1.32 -2.76 -5.12
CA LEU A 36 0.04 -2.39 -5.48
C LEU A 36 1.03 -2.94 -4.47
N LEU A 37 0.50 -3.35 -3.32
CA LEU A 37 1.32 -3.89 -2.24
C LEU A 37 1.99 -5.21 -2.64
N PRO A 38 1.26 -6.17 -3.28
CA PRO A 38 1.85 -7.44 -3.73
C PRO A 38 3.17 -7.25 -4.48
N ASP A 39 3.21 -6.20 -5.29
CA ASP A 39 4.41 -5.84 -6.03
C ASP A 39 5.56 -5.48 -5.09
N LEU A 40 5.26 -4.61 -4.14
CA LEU A 40 6.26 -4.12 -3.20
C LEU A 40 6.70 -5.22 -2.24
N ILE A 41 5.72 -5.96 -1.74
CA ILE A 41 5.96 -6.99 -0.75
C ILE A 41 6.88 -8.09 -1.27
N CYS A 42 6.52 -8.68 -2.40
CA CYS A 42 7.29 -9.80 -2.93
C CYS A 42 8.70 -9.38 -3.26
N LYS A 43 8.85 -8.19 -3.83
CA LYS A 43 10.17 -7.67 -4.17
C LYS A 43 11.02 -7.49 -2.92
N GLY A 44 10.37 -7.14 -1.81
CA GLY A 44 11.07 -6.99 -0.55
C GLY A 44 11.66 -8.31 -0.07
N PHE A 45 11.07 -9.42 -0.52
CA PHE A 45 11.56 -10.74 -0.18
C PHE A 45 12.58 -11.23 -1.19
N ILE A 46 12.66 -10.55 -2.33
CA ILE A 46 13.60 -10.91 -3.37
C ILE A 46 14.89 -10.10 -3.25
N GLN A 47 14.73 -8.80 -3.02
CA GLN A 47 15.85 -7.87 -2.95
C GLN A 47 16.73 -8.15 -1.73
N ASP A 48 16.11 -8.46 -0.60
CA ASP A 48 16.85 -8.71 0.63
C ASP A 48 17.39 -10.12 0.64
N PRO A 49 18.71 -10.28 0.84
CA PRO A 49 19.38 -11.59 0.83
C PRO A 49 18.86 -12.51 1.94
N ASP A 50 18.50 -11.91 3.07
CA ASP A 50 18.00 -12.66 4.22
C ASP A 50 16.64 -13.26 3.91
N LEU A 51 15.91 -12.53 3.11
CA LEU A 51 14.55 -12.88 2.77
C LEU A 51 14.55 -13.82 1.58
N LYS A 52 15.40 -13.50 0.61
CA LYS A 52 15.53 -14.27 -0.63
C LYS A 52 15.96 -15.70 -0.34
N LYS A 53 16.76 -15.88 0.70
CA LYS A 53 17.28 -17.19 1.05
C LYS A 53 16.15 -18.16 1.38
N ARG A 54 15.05 -17.63 1.93
CA ARG A 54 13.89 -18.46 2.26
C ARG A 54 12.93 -18.51 1.08
N PHE A 55 12.86 -17.40 0.36
CA PHE A 55 12.06 -17.29 -0.86
C PHE A 55 12.46 -18.39 -1.85
N ASP A 56 13.75 -18.65 -1.94
CA ASP A 56 14.27 -19.66 -2.86
C ASP A 56 14.00 -21.07 -2.34
N GLU A 57 14.04 -21.24 -1.01
CA GLU A 57 13.84 -22.55 -0.39
C GLU A 57 12.47 -23.11 -0.72
N ILE A 58 11.47 -22.24 -0.76
CA ILE A 58 10.10 -22.68 -1.00
C ILE A 58 9.81 -22.70 -2.50
N LYS A 59 10.80 -22.25 -3.28
CA LYS A 59 10.68 -22.20 -4.74
C LYS A 59 9.51 -21.33 -5.17
N MET A 60 9.29 -20.26 -4.43
CA MET A 60 8.17 -19.38 -4.70
C MET A 60 8.57 -18.29 -5.70
N THR A 61 7.61 -17.82 -6.46
CA THR A 61 7.87 -16.79 -7.46
C THR A 61 7.09 -15.52 -7.17
N TYR A 62 7.48 -14.42 -7.79
CA TYR A 62 6.77 -13.15 -7.67
C TYR A 62 5.31 -13.33 -8.08
N GLU A 63 5.11 -14.11 -9.15
CA GLU A 63 3.78 -14.36 -9.69
C GLU A 63 2.92 -15.13 -8.70
N GLN A 64 3.56 -15.84 -7.78
CA GLN A 64 2.83 -16.55 -6.74
C GLN A 64 2.45 -15.58 -5.63
N CYS A 65 3.41 -14.77 -5.20
CA CYS A 65 3.19 -13.80 -4.14
C CYS A 65 1.97 -12.92 -4.41
N VAL A 66 1.84 -12.46 -5.65
CA VAL A 66 0.82 -11.49 -5.99
C VAL A 66 -0.59 -12.09 -5.98
N THR A 67 -0.69 -13.41 -5.93
CA THR A 67 -1.99 -14.04 -5.79
C THR A 67 -2.30 -14.28 -4.32
N LEU A 68 -1.29 -14.13 -3.48
CA LEU A 68 -1.41 -14.41 -2.05
C LEU A 68 -1.59 -13.12 -1.26
N ILE A 69 -0.79 -12.13 -1.58
CA ILE A 69 -0.78 -10.85 -0.87
C ILE A 69 -2.16 -10.16 -0.80
N PRO A 70 -2.95 -10.14 -1.90
CA PRO A 70 -4.28 -9.48 -1.94
C PRO A 70 -5.21 -9.82 -0.77
N GLU A 71 -4.97 -10.90 -0.05
CA GLU A 71 -5.84 -11.23 1.08
C GLU A 71 -5.30 -10.61 2.37
N SER A 72 -4.00 -10.39 2.40
CA SER A 72 -3.35 -9.78 3.56
C SER A 72 -3.50 -8.27 3.49
N THR A 73 -3.62 -7.74 2.27
CA THR A 73 -3.75 -6.31 2.05
C THR A 73 -4.99 -5.75 2.73
N LYS A 74 -6.15 -6.31 2.40
CA LYS A 74 -7.43 -5.87 2.94
C LYS A 74 -7.42 -5.98 4.46
N LYS A 75 -6.77 -7.03 4.97
CA LYS A 75 -6.65 -7.25 6.39
C LYS A 75 -5.86 -6.12 7.06
N CYS A 76 -4.64 -5.91 6.60
CA CYS A 76 -3.76 -4.90 7.20
C CYS A 76 -4.28 -3.50 6.94
N GLN A 77 -5.11 -3.36 5.92
CA GLN A 77 -5.80 -2.11 5.66
C GLN A 77 -6.67 -1.75 6.85
N ASP A 78 -7.50 -2.70 7.26
CA ASP A 78 -8.42 -2.51 8.39
C ASP A 78 -7.64 -2.24 9.67
N GLU A 79 -6.44 -2.79 9.75
CA GLU A 79 -5.57 -2.63 10.90
C GLU A 79 -5.27 -1.16 11.17
N LEU A 80 -4.74 -0.51 10.16
CA LEU A 80 -4.26 0.86 10.28
C LEU A 80 -5.35 1.88 9.97
N TYR A 81 -6.31 1.49 9.13
CA TYR A 81 -7.39 2.37 8.66
C TYR A 81 -8.00 3.23 9.77
N ALA A 82 -8.20 2.65 10.93
CA ALA A 82 -8.84 3.37 12.03
C ALA A 82 -7.94 4.46 12.62
N SER A 83 -6.63 4.26 12.52
CA SER A 83 -5.67 5.21 13.06
C SER A 83 -5.25 6.22 12.00
N MET A 84 -5.48 5.87 10.74
CA MET A 84 -5.12 6.72 9.61
C MET A 84 -5.91 8.02 9.62
N PRO A 85 -5.29 9.11 9.17
CA PRO A 85 -5.96 10.42 9.07
C PRO A 85 -6.96 10.47 7.94
N ASP A 86 -7.70 11.56 7.81
CA ASP A 86 -8.74 11.68 6.78
C ASP A 86 -8.14 11.57 5.38
N LYS A 87 -7.07 12.30 5.16
CA LYS A 87 -6.45 12.36 3.84
C LYS A 87 -4.99 11.93 3.92
N ILE A 88 -4.48 11.45 2.80
CA ILE A 88 -3.15 10.87 2.74
C ILE A 88 -2.27 11.60 1.73
N ASN A 89 -1.22 12.25 2.22
CA ASN A 89 -0.27 12.91 1.35
C ASN A 89 0.87 11.96 1.02
N SER A 90 1.85 12.39 0.24
CA SER A 90 2.96 11.53 -0.13
C SER A 90 3.75 11.09 1.11
N GLU A 91 3.94 12.02 2.03
CA GLU A 91 4.60 11.72 3.31
C GLU A 91 3.75 10.72 4.09
N THR A 92 2.45 10.94 4.06
CA THR A 92 1.52 10.12 4.82
C THR A 92 1.47 8.70 4.23
N ALA A 93 1.50 8.63 2.90
CA ALA A 93 1.48 7.37 2.18
C ALA A 93 2.63 6.47 2.61
N GLY A 94 3.83 7.03 2.62
CA GLY A 94 5.00 6.26 3.03
C GLY A 94 4.92 5.84 4.49
N THR A 95 4.37 6.71 5.32
CA THR A 95 4.27 6.46 6.75
C THR A 95 3.38 5.25 7.04
N TRP A 96 2.28 5.12 6.32
CA TRP A 96 1.35 4.03 6.54
C TRP A 96 1.67 2.82 5.68
N GLY A 97 2.12 3.06 4.45
CA GLY A 97 2.45 1.96 3.55
C GLY A 97 3.59 1.11 4.09
N ARG A 98 4.47 1.70 4.87
CA ARG A 98 5.55 0.93 5.50
C ARG A 98 4.99 0.00 6.57
N SER A 99 4.09 0.54 7.41
CA SER A 99 3.42 -0.25 8.43
C SER A 99 2.51 -1.29 7.77
N LEU A 100 1.85 -0.85 6.73
CA LEU A 100 0.97 -1.67 5.92
C LEU A 100 1.74 -2.83 5.31
N GLY A 101 2.91 -2.53 4.75
CA GLY A 101 3.74 -3.54 4.13
C GLY A 101 4.31 -4.53 5.11
N GLU A 102 4.90 -4.04 6.21
CA GLU A 102 5.54 -4.93 7.19
C GLU A 102 4.52 -5.87 7.82
N CYS A 103 3.29 -5.36 8.01
CA CYS A 103 2.20 -6.17 8.53
C CYS A 103 1.93 -7.35 7.61
N ILE A 104 1.88 -7.08 6.32
CA ILE A 104 1.64 -8.11 5.32
C ILE A 104 2.83 -9.05 5.23
N GLY A 105 4.03 -8.50 5.31
CA GLY A 105 5.24 -9.28 5.24
C GLY A 105 5.30 -10.34 6.33
N LYS A 106 4.66 -10.06 7.45
CA LYS A 106 4.58 -11.02 8.55
C LYS A 106 3.67 -12.17 8.17
N ASP A 107 2.50 -11.82 7.64
CA ASP A 107 1.48 -12.80 7.30
C ASP A 107 1.94 -13.68 6.15
N PHE A 108 2.45 -13.02 5.11
CA PHE A 108 2.96 -13.71 3.94
C PHE A 108 4.07 -14.69 4.30
N ALA A 109 4.97 -14.26 5.18
CA ALA A 109 6.10 -15.09 5.58
C ALA A 109 5.63 -16.35 6.27
N GLU A 110 4.80 -16.20 7.28
CA GLU A 110 4.31 -17.34 8.05
C GLU A 110 3.39 -18.22 7.20
N LYS A 111 2.91 -17.68 6.10
CA LYS A 111 2.09 -18.43 5.17
C LYS A 111 2.92 -19.31 4.26
N HIS A 112 3.66 -18.70 3.34
CA HIS A 112 4.32 -19.47 2.28
C HIS A 112 5.81 -19.64 2.54
N LEU A 113 6.42 -18.73 3.30
CA LEU A 113 7.86 -18.84 3.56
C LEU A 113 8.12 -19.85 4.68
N ILE A 114 7.19 -19.91 5.63
CA ILE A 114 7.25 -20.93 6.67
C ILE A 114 6.41 -22.14 6.26
N PRO A 115 7.07 -23.27 5.94
CA PRO A 115 6.39 -24.50 5.56
C PRO A 115 5.92 -25.31 6.77
N LYS A 116 6.54 -25.08 7.92
CA LYS A 116 6.23 -25.83 9.13
C LYS A 116 5.49 -24.93 10.11
N MET A 1 -35.80 7.38 1.73
CA MET A 1 -34.84 6.51 2.44
C MET A 1 -33.47 7.17 2.52
N ALA A 2 -32.87 7.42 1.36
CA ALA A 2 -31.53 8.02 1.32
C ALA A 2 -31.57 9.40 0.69
N HIS A 3 -31.37 10.42 1.51
CA HIS A 3 -31.33 11.79 1.02
C HIS A 3 -29.90 12.16 0.64
N HIS A 4 -29.73 12.64 -0.58
CA HIS A 4 -28.39 12.95 -1.08
C HIS A 4 -28.35 14.35 -1.68
N HIS A 5 -27.40 15.14 -1.21
CA HIS A 5 -27.20 16.49 -1.73
C HIS A 5 -25.70 16.79 -1.79
N HIS A 6 -25.02 16.17 -2.74
CA HIS A 6 -23.58 16.34 -2.88
C HIS A 6 -23.28 17.47 -3.85
N HIS A 7 -24.26 17.76 -4.70
CA HIS A 7 -24.13 18.84 -5.67
C HIS A 7 -24.90 20.06 -5.18
N HIS A 8 -24.71 21.19 -5.85
CA HIS A 8 -25.40 22.44 -5.53
C HIS A 8 -25.04 22.92 -4.12
N VAL A 9 -23.79 22.72 -3.74
CA VAL A 9 -23.31 23.18 -2.45
C VAL A 9 -22.80 24.62 -2.55
N ASP A 10 -23.05 25.23 -3.70
CA ASP A 10 -22.68 26.62 -3.94
C ASP A 10 -23.72 27.54 -3.30
N ASP A 11 -24.86 26.98 -2.95
CA ASP A 11 -25.91 27.73 -2.28
C ASP A 11 -25.74 27.62 -0.78
N ASP A 12 -25.39 28.74 -0.14
CA ASP A 12 -25.06 28.77 1.28
C ASP A 12 -23.84 27.88 1.56
N ASP A 13 -22.66 28.42 1.31
CA ASP A 13 -21.41 27.70 1.52
C ASP A 13 -21.21 27.39 3.00
N LYS A 14 -21.04 26.12 3.32
CA LYS A 14 -20.94 25.70 4.70
C LYS A 14 -19.80 24.70 4.87
N MET A 15 -19.24 24.66 6.07
CA MET A 15 -18.18 23.71 6.41
C MET A 15 -16.89 23.98 5.64
N GLU A 16 -16.82 23.50 4.40
CA GLU A 16 -15.63 23.62 3.59
C GLU A 16 -16.00 23.93 2.15
N ASP A 17 -15.85 25.19 1.76
CA ASP A 17 -16.13 25.61 0.40
C ASP A 17 -14.83 25.70 -0.40
N THR A 18 -14.94 25.62 -1.72
CA THR A 18 -13.81 25.71 -2.64
C THR A 18 -12.61 24.86 -2.17
N ALA A 19 -12.90 23.64 -1.73
CA ALA A 19 -11.86 22.74 -1.27
C ALA A 19 -11.45 21.80 -2.39
N ASN A 20 -10.15 21.73 -2.65
CA ASN A 20 -9.64 20.89 -3.72
C ASN A 20 -9.09 19.59 -3.16
N PRO A 21 -9.44 18.44 -3.75
CA PRO A 21 -8.92 17.14 -3.34
C PRO A 21 -7.51 16.91 -3.87
N ASN A 22 -6.53 17.47 -3.18
CA ASN A 22 -5.15 17.43 -3.64
C ASN A 22 -4.55 16.05 -3.41
N GLU A 23 -5.05 15.36 -2.40
CA GLU A 23 -4.56 14.03 -2.08
C GLU A 23 -5.70 13.03 -2.14
N MET A 24 -5.43 11.81 -1.70
CA MET A 24 -6.44 10.76 -1.68
C MET A 24 -6.84 10.47 -0.24
N THR A 25 -8.14 10.28 -0.03
CA THR A 25 -8.66 10.04 1.31
C THR A 25 -8.21 8.69 1.84
N LYS A 26 -8.34 8.47 3.14
CA LYS A 26 -7.89 7.23 3.75
C LYS A 26 -8.51 6.00 3.06
N ASP A 27 -9.75 6.14 2.62
CA ASP A 27 -10.47 5.04 2.02
C ASP A 27 -10.06 4.85 0.56
N ALA A 28 -9.98 5.96 -0.18
CA ALA A 28 -9.64 5.90 -1.59
C ALA A 28 -8.16 5.57 -1.79
N TRP A 29 -7.33 6.01 -0.86
CA TRP A 29 -5.91 5.69 -0.89
C TRP A 29 -5.72 4.19 -0.88
N LEU A 30 -6.39 3.52 0.05
CA LEU A 30 -6.31 2.07 0.16
C LEU A 30 -6.71 1.39 -1.16
N ASN A 31 -7.75 1.92 -1.79
CA ASN A 31 -8.27 1.34 -3.03
C ASN A 31 -7.19 1.31 -4.12
N SER A 32 -6.38 2.35 -4.16
CA SER A 32 -5.34 2.46 -5.17
C SER A 32 -4.03 1.84 -4.67
N MET A 33 -3.85 1.85 -3.36
CA MET A 33 -2.57 1.46 -2.75
C MET A 33 -2.47 -0.04 -2.52
N THR A 34 -3.58 -0.67 -2.14
CA THR A 34 -3.57 -2.09 -1.78
C THR A 34 -2.95 -2.99 -2.85
N PRO A 35 -3.33 -2.86 -4.14
CA PRO A 35 -2.79 -3.73 -5.18
C PRO A 35 -1.42 -3.31 -5.66
N LEU A 36 -0.91 -2.22 -5.11
CA LEU A 36 0.45 -1.78 -5.39
C LEU A 36 1.40 -2.42 -4.39
N LEU A 37 0.84 -2.85 -3.26
CA LEU A 37 1.63 -3.45 -2.20
C LEU A 37 2.28 -4.77 -2.64
N PRO A 38 1.53 -5.70 -3.29
CA PRO A 38 2.10 -6.96 -3.78
C PRO A 38 3.36 -6.76 -4.62
N ASP A 39 3.36 -5.67 -5.38
CA ASP A 39 4.47 -5.34 -6.24
C ASP A 39 5.71 -5.00 -5.42
N LEU A 40 5.48 -4.32 -4.30
CA LEU A 40 6.57 -3.87 -3.45
C LEU A 40 7.01 -4.95 -2.46
N ILE A 41 6.03 -5.68 -1.91
CA ILE A 41 6.29 -6.67 -0.87
C ILE A 41 7.26 -7.74 -1.35
N CYS A 42 6.96 -8.34 -2.50
CA CYS A 42 7.74 -9.47 -3.00
C CYS A 42 9.19 -9.07 -3.22
N LYS A 43 9.40 -7.83 -3.64
CA LYS A 43 10.74 -7.31 -3.90
C LYS A 43 11.62 -7.43 -2.65
N GLY A 44 11.04 -7.14 -1.49
CA GLY A 44 11.79 -7.20 -0.24
C GLY A 44 12.35 -8.58 0.04
N PHE A 45 11.59 -9.61 -0.34
CA PHE A 45 11.98 -10.98 -0.10
C PHE A 45 12.94 -11.47 -1.18
N ILE A 46 13.05 -10.70 -2.25
CA ILE A 46 14.00 -11.00 -3.32
C ILE A 46 15.31 -10.27 -3.09
N GLN A 47 15.21 -9.02 -2.65
CA GLN A 47 16.36 -8.17 -2.45
C GLN A 47 17.24 -8.68 -1.32
N ASP A 48 16.62 -9.14 -0.24
CA ASP A 48 17.35 -9.62 0.91
C ASP A 48 17.67 -11.11 0.75
N PRO A 49 18.96 -11.46 0.67
CA PRO A 49 19.41 -12.85 0.51
C PRO A 49 18.87 -13.77 1.60
N ASP A 50 18.73 -13.22 2.81
CA ASP A 50 18.20 -13.95 3.95
C ASP A 50 16.77 -14.38 3.69
N LEU A 51 16.03 -13.47 3.08
CA LEU A 51 14.64 -13.64 2.80
C LEU A 51 14.48 -14.52 1.57
N LYS A 52 15.32 -14.26 0.57
CA LYS A 52 15.32 -14.99 -0.68
C LYS A 52 15.63 -16.46 -0.46
N LYS A 53 16.45 -16.74 0.55
CA LYS A 53 16.86 -18.11 0.82
C LYS A 53 15.68 -18.93 1.35
N ARG A 54 14.70 -18.25 1.94
CA ARG A 54 13.48 -18.92 2.38
C ARG A 54 12.46 -18.91 1.25
N PHE A 55 12.51 -17.83 0.48
CA PHE A 55 11.66 -17.65 -0.69
C PHE A 55 11.88 -18.79 -1.69
N ASP A 56 13.14 -19.23 -1.81
CA ASP A 56 13.50 -20.32 -2.71
C ASP A 56 13.12 -21.67 -2.13
N GLU A 57 13.16 -21.80 -0.81
CA GLU A 57 12.82 -23.07 -0.15
C GLU A 57 11.37 -23.47 -0.44
N ILE A 58 10.52 -22.47 -0.60
CA ILE A 58 9.11 -22.70 -0.88
C ILE A 58 8.88 -22.70 -2.40
N LYS A 59 9.97 -22.40 -3.12
CA LYS A 59 9.94 -22.28 -4.58
C LYS A 59 8.85 -21.32 -5.03
N MET A 60 8.78 -20.20 -4.33
CA MET A 60 7.79 -19.18 -4.61
C MET A 60 8.37 -18.14 -5.55
N THR A 61 7.53 -17.58 -6.39
CA THR A 61 7.98 -16.61 -7.36
C THR A 61 7.32 -15.25 -7.17
N TYR A 62 7.83 -14.24 -7.84
CA TYR A 62 7.28 -12.89 -7.79
C TYR A 62 5.82 -12.90 -8.20
N GLU A 63 5.54 -13.58 -9.31
CA GLU A 63 4.19 -13.68 -9.84
C GLU A 63 3.28 -14.46 -8.90
N GLN A 64 3.89 -15.26 -8.03
CA GLN A 64 3.14 -16.01 -7.04
C GLN A 64 2.75 -15.10 -5.87
N CYS A 65 3.68 -14.26 -5.46
CA CYS A 65 3.46 -13.33 -4.34
C CYS A 65 2.23 -12.47 -4.56
N VAL A 66 2.08 -11.95 -5.78
CA VAL A 66 1.03 -10.98 -6.06
C VAL A 66 -0.37 -11.56 -5.98
N THR A 67 -0.50 -12.88 -5.94
CA THR A 67 -1.81 -13.49 -5.73
C THR A 67 -2.04 -13.76 -4.23
N LEU A 68 -0.97 -13.64 -3.45
CA LEU A 68 -1.03 -13.95 -2.03
C LEU A 68 -1.15 -12.67 -1.20
N ILE A 69 -0.42 -11.65 -1.63
CA ILE A 69 -0.38 -10.37 -0.92
C ILE A 69 -1.76 -9.71 -0.79
N PRO A 70 -2.61 -9.72 -1.84
CA PRO A 70 -3.98 -9.17 -1.75
C PRO A 70 -4.79 -9.71 -0.57
N GLU A 71 -4.39 -10.87 -0.06
CA GLU A 71 -5.06 -11.46 1.08
C GLU A 71 -4.53 -10.83 2.37
N SER A 72 -3.31 -10.36 2.33
CA SER A 72 -2.69 -9.74 3.49
C SER A 72 -2.98 -8.23 3.50
N THR A 73 -3.14 -7.65 2.32
CA THR A 73 -3.45 -6.23 2.19
C THR A 73 -4.74 -5.90 2.91
N LYS A 74 -5.74 -6.77 2.73
CA LYS A 74 -7.05 -6.58 3.33
C LYS A 74 -6.95 -6.66 4.85
N LYS A 75 -6.14 -7.59 5.33
CA LYS A 75 -5.94 -7.78 6.77
C LYS A 75 -5.31 -6.55 7.40
N CYS A 76 -4.15 -6.16 6.88
CA CYS A 76 -3.41 -5.03 7.43
C CYS A 76 -4.09 -3.71 7.14
N GLN A 77 -4.96 -3.70 6.14
CA GLN A 77 -5.75 -2.51 5.81
C GLN A 77 -6.55 -2.06 7.03
N ASP A 78 -7.36 -2.97 7.56
CA ASP A 78 -8.20 -2.68 8.71
C ASP A 78 -7.38 -2.23 9.91
N GLU A 79 -6.20 -2.83 10.05
CA GLU A 79 -5.28 -2.52 11.14
C GLU A 79 -5.02 -1.03 11.23
N LEU A 80 -4.50 -0.50 10.15
CA LEU A 80 -4.02 0.88 10.13
C LEU A 80 -5.13 1.85 9.74
N TYR A 81 -6.12 1.38 8.98
CA TYR A 81 -7.28 2.21 8.60
C TYR A 81 -7.89 2.88 9.82
N ALA A 82 -7.98 2.13 10.91
CA ALA A 82 -8.55 2.63 12.15
C ALA A 82 -7.70 3.75 12.75
N SER A 83 -6.43 3.79 12.36
CA SER A 83 -5.51 4.78 12.91
C SER A 83 -5.21 5.88 11.90
N MET A 84 -5.56 5.66 10.64
CA MET A 84 -5.27 6.62 9.58
C MET A 84 -6.18 7.84 9.67
N PRO A 85 -5.65 9.02 9.31
CA PRO A 85 -6.41 10.27 9.29
C PRO A 85 -7.43 10.32 8.16
N ASP A 86 -8.18 11.42 8.06
CA ASP A 86 -9.22 11.56 7.04
C ASP A 86 -8.63 11.42 5.64
N LYS A 87 -7.57 12.16 5.38
CA LYS A 87 -6.95 12.18 4.07
C LYS A 87 -5.50 11.71 4.16
N ILE A 88 -5.03 11.11 3.08
CA ILE A 88 -3.67 10.59 3.04
C ILE A 88 -2.85 11.36 2.01
N ASN A 89 -1.91 12.16 2.50
CA ASN A 89 -1.05 12.96 1.65
C ASN A 89 0.19 12.16 1.27
N SER A 90 1.09 12.77 0.50
CA SER A 90 2.29 12.09 0.02
C SER A 90 3.12 11.51 1.18
N GLU A 91 3.37 12.33 2.20
CA GLU A 91 4.12 11.88 3.36
C GLU A 91 3.32 10.85 4.14
N THR A 92 2.01 11.05 4.19
CA THR A 92 1.12 10.16 4.91
C THR A 92 1.11 8.80 4.25
N ALA A 93 1.08 8.81 2.92
CA ALA A 93 1.08 7.59 2.13
C ALA A 93 2.31 6.73 2.42
N GLY A 94 3.47 7.37 2.41
CA GLY A 94 4.69 6.66 2.71
C GLY A 94 4.70 6.09 4.11
N THR A 95 4.20 6.89 5.06
CA THR A 95 4.17 6.50 6.46
C THR A 95 3.33 5.23 6.66
N TRP A 96 2.12 5.23 6.14
CA TRP A 96 1.22 4.11 6.32
C TRP A 96 1.52 2.98 5.33
N GLY A 97 2.06 3.34 4.18
CA GLY A 97 2.44 2.35 3.19
C GLY A 97 3.51 1.42 3.70
N ARG A 98 4.56 1.98 4.29
CA ARG A 98 5.64 1.17 4.87
C ARG A 98 5.13 0.36 6.05
N SER A 99 4.10 0.88 6.71
CA SER A 99 3.48 0.19 7.83
C SER A 99 2.71 -1.04 7.32
N LEU A 100 1.98 -0.87 6.24
CA LEU A 100 1.32 -1.98 5.57
C LEU A 100 2.36 -2.98 5.11
N GLY A 101 3.44 -2.47 4.52
CA GLY A 101 4.50 -3.30 4.00
C GLY A 101 5.10 -4.24 5.04
N GLU A 102 5.47 -3.69 6.20
CA GLU A 102 6.09 -4.49 7.25
C GLU A 102 5.07 -5.46 7.86
N CYS A 103 3.83 -5.01 7.97
CA CYS A 103 2.76 -5.84 8.52
C CYS A 103 2.47 -7.03 7.60
N ILE A 104 2.33 -6.73 6.31
CA ILE A 104 2.05 -7.74 5.31
C ILE A 104 3.20 -8.74 5.22
N GLY A 105 4.42 -8.24 5.27
CA GLY A 105 5.58 -9.10 5.22
C GLY A 105 5.59 -10.12 6.34
N LYS A 106 5.02 -9.74 7.48
CA LYS A 106 4.94 -10.62 8.63
C LYS A 106 3.91 -11.72 8.39
N ASP A 107 2.79 -11.34 7.80
CA ASP A 107 1.73 -12.28 7.47
C ASP A 107 2.17 -13.21 6.35
N PHE A 108 2.75 -12.60 5.32
CA PHE A 108 3.22 -13.33 4.14
C PHE A 108 4.25 -14.38 4.53
N ALA A 109 5.13 -14.02 5.45
CA ALA A 109 6.15 -14.94 5.90
C ALA A 109 5.53 -16.17 6.55
N GLU A 110 4.73 -15.96 7.58
CA GLU A 110 4.13 -17.06 8.32
C GLU A 110 3.10 -17.82 7.48
N LYS A 111 2.56 -17.16 6.47
CA LYS A 111 1.53 -17.79 5.64
C LYS A 111 2.13 -18.70 4.59
N HIS A 112 3.08 -18.19 3.82
CA HIS A 112 3.61 -18.95 2.71
C HIS A 112 5.08 -19.35 2.91
N LEU A 113 5.89 -18.46 3.46
CA LEU A 113 7.32 -18.74 3.65
C LEU A 113 7.52 -19.80 4.74
N ILE A 114 6.63 -19.81 5.71
CA ILE A 114 6.61 -20.86 6.71
C ILE A 114 5.71 -22.00 6.24
N PRO A 115 6.30 -23.13 5.86
CA PRO A 115 5.54 -24.28 5.36
C PRO A 115 4.92 -25.11 6.47
N LYS A 116 5.43 -24.91 7.69
CA LYS A 116 4.96 -25.64 8.83
C LYS A 116 3.87 -24.84 9.56
N MET A 1 14.72 37.85 -25.97
CA MET A 1 14.08 38.18 -27.27
C MET A 1 13.23 39.42 -27.14
N ALA A 2 13.62 40.48 -27.83
CA ALA A 2 12.89 41.73 -27.83
C ALA A 2 11.58 41.59 -28.60
N HIS A 3 10.54 42.28 -28.13
CA HIS A 3 9.21 42.20 -28.73
C HIS A 3 8.71 40.75 -28.68
N HIS A 4 8.38 40.29 -27.49
CA HIS A 4 7.91 38.93 -27.29
C HIS A 4 6.47 38.93 -26.80
N HIS A 5 5.63 38.14 -27.43
CA HIS A 5 4.24 38.03 -27.02
C HIS A 5 3.89 36.58 -26.72
N HIS A 6 3.46 36.33 -25.49
CA HIS A 6 3.13 34.96 -25.07
C HIS A 6 1.70 34.62 -25.45
N HIS A 7 0.95 35.62 -25.89
CA HIS A 7 -0.41 35.41 -26.37
C HIS A 7 -0.39 34.98 -27.84
N HIS A 8 0.06 33.75 -28.08
CA HIS A 8 0.08 33.21 -29.42
C HIS A 8 -1.20 32.45 -29.71
N VAL A 9 -1.59 31.60 -28.77
CA VAL A 9 -2.79 30.79 -28.91
C VAL A 9 -3.48 30.59 -27.56
N ASP A 10 -2.68 30.40 -26.51
CA ASP A 10 -3.21 30.18 -25.18
C ASP A 10 -3.38 31.51 -24.46
N ASP A 11 -4.54 32.13 -24.62
CA ASP A 11 -4.81 33.40 -23.96
C ASP A 11 -5.23 33.15 -22.51
N ASP A 12 -5.41 31.89 -22.17
CA ASP A 12 -5.72 31.50 -20.80
C ASP A 12 -4.74 30.44 -20.33
N ASP A 13 -4.44 30.46 -19.04
CA ASP A 13 -3.51 29.50 -18.46
C ASP A 13 -4.23 28.64 -17.43
N LYS A 14 -3.56 27.60 -16.95
CA LYS A 14 -4.17 26.68 -16.01
C LYS A 14 -3.24 26.40 -14.84
N MET A 15 -3.01 27.41 -14.02
CA MET A 15 -2.18 27.26 -12.83
C MET A 15 -3.00 26.59 -11.73
N GLU A 16 -4.22 27.06 -11.54
CA GLU A 16 -5.11 26.49 -10.55
C GLU A 16 -5.70 25.18 -11.06
N ASP A 17 -5.05 24.07 -10.73
CA ASP A 17 -5.52 22.77 -11.17
C ASP A 17 -6.36 22.13 -10.08
N THR A 18 -7.64 21.95 -10.37
CA THR A 18 -8.54 21.30 -9.44
C THR A 18 -8.91 19.91 -9.96
N ALA A 19 -8.36 19.58 -11.12
CA ALA A 19 -8.62 18.29 -11.75
C ALA A 19 -8.01 17.15 -10.94
N ASN A 20 -6.72 17.26 -10.65
CA ASN A 20 -6.04 16.24 -9.85
C ASN A 20 -5.74 16.76 -8.45
N PRO A 21 -6.23 16.04 -7.44
CA PRO A 21 -5.99 16.39 -6.05
C PRO A 21 -4.62 15.90 -5.58
N ASN A 22 -3.90 16.75 -4.84
CA ASN A 22 -2.59 16.39 -4.32
C ASN A 22 -2.74 15.49 -3.10
N GLU A 23 -3.97 15.33 -2.64
CA GLU A 23 -4.25 14.52 -1.48
C GLU A 23 -5.47 13.62 -1.75
N MET A 24 -5.35 12.36 -1.38
CA MET A 24 -6.42 11.40 -1.56
C MET A 24 -7.07 11.11 -0.21
N THR A 25 -8.25 10.51 -0.22
CA THR A 25 -8.90 10.12 1.01
C THR A 25 -8.39 8.79 1.51
N LYS A 26 -8.56 8.49 2.79
CA LYS A 26 -8.07 7.25 3.37
C LYS A 26 -8.63 6.05 2.59
N ASP A 27 -9.91 6.09 2.27
CA ASP A 27 -10.57 4.99 1.59
C ASP A 27 -10.05 4.81 0.18
N ALA A 28 -9.96 5.91 -0.55
CA ALA A 28 -9.49 5.89 -1.92
C ALA A 28 -8.03 5.48 -2.00
N TRP A 29 -7.24 5.95 -1.04
CA TRP A 29 -5.84 5.56 -0.96
C TRP A 29 -5.74 4.07 -0.72
N LEU A 30 -6.53 3.58 0.22
CA LEU A 30 -6.55 2.15 0.55
C LEU A 30 -6.98 1.33 -0.65
N ASN A 31 -7.78 1.92 -1.51
CA ASN A 31 -8.25 1.26 -2.71
C ASN A 31 -7.18 1.28 -3.79
N SER A 32 -6.32 2.29 -3.73
CA SER A 32 -5.30 2.49 -4.75
C SER A 32 -3.97 1.79 -4.39
N MET A 33 -3.67 1.68 -3.10
CA MET A 33 -2.33 1.25 -2.67
C MET A 33 -2.29 -0.26 -2.47
N THR A 34 -3.44 -0.85 -2.22
CA THR A 34 -3.56 -2.27 -1.93
C THR A 34 -2.85 -3.14 -2.98
N PRO A 35 -3.12 -2.95 -4.28
CA PRO A 35 -2.51 -3.76 -5.33
C PRO A 35 -1.09 -3.32 -5.68
N LEU A 36 -0.64 -2.23 -5.07
CA LEU A 36 0.70 -1.72 -5.30
C LEU A 36 1.67 -2.31 -4.28
N LEU A 37 1.11 -2.82 -3.20
CA LEU A 37 1.91 -3.40 -2.12
C LEU A 37 2.60 -4.71 -2.54
N PRO A 38 1.87 -5.65 -3.20
CA PRO A 38 2.43 -6.95 -3.62
C PRO A 38 3.83 -6.88 -4.22
N ASP A 39 4.09 -5.86 -5.04
CA ASP A 39 5.41 -5.69 -5.62
C ASP A 39 6.45 -5.41 -4.55
N LEU A 40 6.21 -4.35 -3.79
CA LEU A 40 7.14 -3.90 -2.75
C LEU A 40 7.40 -5.04 -1.75
N ILE A 41 6.39 -5.84 -1.50
CA ILE A 41 6.51 -6.93 -0.56
C ILE A 41 7.39 -8.06 -1.12
N CYS A 42 6.99 -8.59 -2.28
CA CYS A 42 7.72 -9.72 -2.87
C CYS A 42 9.16 -9.34 -3.16
N LYS A 43 9.35 -8.13 -3.69
CA LYS A 43 10.69 -7.66 -4.03
C LYS A 43 11.61 -7.66 -2.81
N GLY A 44 11.02 -7.37 -1.65
CA GLY A 44 11.80 -7.35 -0.42
C GLY A 44 12.37 -8.71 -0.08
N PHE A 45 11.60 -9.75 -0.36
CA PHE A 45 12.04 -11.12 -0.09
C PHE A 45 12.99 -11.61 -1.18
N ILE A 46 12.97 -10.93 -2.32
CA ILE A 46 13.84 -11.29 -3.43
C ILE A 46 15.20 -10.60 -3.28
N GLN A 47 15.17 -9.33 -2.90
CA GLN A 47 16.38 -8.53 -2.76
C GLN A 47 17.25 -9.02 -1.60
N ASP A 48 16.61 -9.38 -0.49
CA ASP A 48 17.35 -9.88 0.66
C ASP A 48 17.81 -11.31 0.39
N PRO A 49 19.13 -11.53 0.37
CA PRO A 49 19.73 -12.82 0.02
C PRO A 49 19.25 -13.95 0.92
N ASP A 50 19.08 -13.65 2.19
CA ASP A 50 18.65 -14.66 3.16
C ASP A 50 17.18 -14.99 3.01
N LEU A 51 16.39 -13.97 2.68
CA LEU A 51 14.97 -14.18 2.43
C LEU A 51 14.76 -14.89 1.10
N LYS A 52 15.63 -14.59 0.14
CA LYS A 52 15.56 -15.20 -1.18
C LYS A 52 15.77 -16.71 -1.06
N LYS A 53 16.46 -17.12 0.00
CA LYS A 53 16.66 -18.54 0.28
C LYS A 53 15.30 -19.19 0.53
N ARG A 54 14.52 -18.59 1.41
CA ARG A 54 13.24 -19.15 1.81
C ARG A 54 12.25 -19.03 0.66
N PHE A 55 12.41 -17.95 -0.08
CA PHE A 55 11.64 -17.69 -1.29
C PHE A 55 11.82 -18.85 -2.27
N ASP A 56 13.05 -19.35 -2.35
CA ASP A 56 13.37 -20.46 -3.24
C ASP A 56 12.94 -21.79 -2.64
N GLU A 57 13.06 -21.92 -1.33
CA GLU A 57 12.69 -23.16 -0.64
C GLU A 57 11.21 -23.47 -0.83
N ILE A 58 10.38 -22.44 -0.87
CA ILE A 58 8.95 -22.63 -1.05
C ILE A 58 8.61 -22.76 -2.54
N LYS A 59 9.63 -22.58 -3.37
CA LYS A 59 9.49 -22.62 -4.82
C LYS A 59 8.48 -21.59 -5.28
N MET A 60 8.56 -20.41 -4.69
CA MET A 60 7.61 -19.35 -4.97
C MET A 60 8.25 -18.29 -5.85
N THR A 61 7.46 -17.70 -6.74
CA THR A 61 7.95 -16.66 -7.62
C THR A 61 7.18 -15.36 -7.41
N TYR A 62 7.67 -14.27 -7.99
CA TYR A 62 7.04 -12.96 -7.86
C TYR A 62 5.56 -13.02 -8.25
N GLU A 63 5.28 -13.67 -9.38
CA GLU A 63 3.91 -13.79 -9.88
C GLU A 63 3.02 -14.55 -8.89
N GLN A 64 3.62 -15.41 -8.09
CA GLN A 64 2.87 -16.17 -7.11
C GLN A 64 2.65 -15.33 -5.85
N CYS A 65 3.62 -14.50 -5.51
CA CYS A 65 3.50 -13.61 -4.36
C CYS A 65 2.30 -12.69 -4.51
N VAL A 66 2.18 -12.05 -5.66
CA VAL A 66 1.22 -10.98 -5.86
C VAL A 66 -0.22 -11.45 -5.80
N THR A 67 -0.46 -12.76 -5.91
CA THR A 67 -1.81 -13.28 -5.77
C THR A 67 -2.08 -13.66 -4.32
N LEU A 68 -1.03 -13.72 -3.51
CA LEU A 68 -1.16 -14.11 -2.11
C LEU A 68 -1.17 -12.87 -1.20
N ILE A 69 -0.42 -11.85 -1.63
CA ILE A 69 -0.29 -10.60 -0.88
C ILE A 69 -1.64 -9.93 -0.58
N PRO A 70 -2.60 -9.88 -1.55
CA PRO A 70 -3.93 -9.29 -1.35
C PRO A 70 -4.65 -9.75 -0.07
N GLU A 71 -4.24 -10.89 0.46
CA GLU A 71 -4.79 -11.39 1.70
C GLU A 71 -4.35 -10.50 2.86
N SER A 72 -3.09 -10.10 2.85
CA SER A 72 -2.55 -9.25 3.89
C SER A 72 -2.86 -7.78 3.60
N THR A 73 -2.96 -7.42 2.32
CA THR A 73 -3.28 -6.05 1.95
C THR A 73 -4.64 -5.66 2.50
N LYS A 74 -5.59 -6.59 2.39
CA LYS A 74 -6.93 -6.38 2.91
C LYS A 74 -6.90 -6.36 4.43
N LYS A 75 -6.15 -7.30 4.99
CA LYS A 75 -6.00 -7.44 6.44
C LYS A 75 -5.39 -6.18 7.05
N CYS A 76 -4.18 -5.84 6.62
CA CYS A 76 -3.44 -4.73 7.19
C CYS A 76 -4.10 -3.40 6.87
N GLN A 77 -4.91 -3.38 5.81
CA GLN A 77 -5.72 -2.21 5.49
C GLN A 77 -6.65 -1.91 6.66
N ASP A 78 -7.39 -2.94 7.07
CA ASP A 78 -8.36 -2.81 8.15
C ASP A 78 -7.66 -2.49 9.48
N GLU A 79 -6.45 -2.98 9.62
CA GLU A 79 -5.64 -2.75 10.81
C GLU A 79 -5.42 -1.26 11.03
N LEU A 80 -4.81 -0.65 10.04
CA LEU A 80 -4.38 0.73 10.12
C LEU A 80 -5.52 1.71 9.81
N TYR A 81 -6.48 1.26 9.00
CA TYR A 81 -7.64 2.09 8.63
C TYR A 81 -8.28 2.78 9.84
N ALA A 82 -8.33 2.07 10.95
CA ALA A 82 -8.97 2.58 12.16
C ALA A 82 -8.16 3.70 12.80
N SER A 83 -6.90 3.83 12.42
CA SER A 83 -6.03 4.85 12.97
C SER A 83 -5.72 5.94 11.93
N MET A 84 -5.95 5.60 10.67
CA MET A 84 -5.68 6.52 9.56
C MET A 84 -6.58 7.74 9.61
N PRO A 85 -6.04 8.91 9.23
CA PRO A 85 -6.81 10.16 9.16
C PRO A 85 -7.79 10.15 7.99
N ASP A 86 -8.62 11.18 7.91
CA ASP A 86 -9.64 11.26 6.86
C ASP A 86 -8.99 11.22 5.48
N LYS A 87 -8.02 12.09 5.28
CA LYS A 87 -7.32 12.17 4.01
C LYS A 87 -5.85 11.87 4.18
N ILE A 88 -5.21 11.50 3.07
CA ILE A 88 -3.85 11.01 3.09
C ILE A 88 -2.95 11.84 2.17
N ASN A 89 -1.98 12.52 2.76
CA ASN A 89 -0.98 13.26 1.99
C ASN A 89 0.10 12.30 1.50
N SER A 90 0.92 12.73 0.54
CA SER A 90 1.98 11.87 0.02
C SER A 90 2.89 11.36 1.15
N GLU A 91 3.19 12.24 2.09
CA GLU A 91 3.99 11.88 3.26
C GLU A 91 3.26 10.87 4.11
N THR A 92 1.97 11.12 4.31
CA THR A 92 1.11 10.25 5.10
C THR A 92 1.01 8.88 4.42
N ALA A 93 1.00 8.92 3.10
CA ALA A 93 0.97 7.71 2.29
C ALA A 93 2.20 6.85 2.54
N GLY A 94 3.33 7.51 2.77
CA GLY A 94 4.54 6.80 3.12
C GLY A 94 4.45 6.23 4.51
N THR A 95 3.92 7.01 5.44
CA THR A 95 3.77 6.61 6.82
C THR A 95 2.99 5.30 6.94
N TRP A 96 1.81 5.26 6.34
CA TRP A 96 0.95 4.09 6.43
C TRP A 96 1.37 3.02 5.42
N GLY A 97 1.95 3.46 4.31
CA GLY A 97 2.42 2.52 3.31
C GLY A 97 3.46 1.57 3.86
N ARG A 98 4.44 2.11 4.56
CA ARG A 98 5.49 1.29 5.16
C ARG A 98 4.92 0.45 6.30
N SER A 99 3.91 0.97 6.98
CA SER A 99 3.26 0.26 8.07
C SER A 99 2.54 -0.98 7.52
N LEU A 100 2.00 -0.86 6.31
CA LEU A 100 1.42 -2.00 5.61
C LEU A 100 2.52 -2.96 5.19
N GLY A 101 3.60 -2.40 4.65
CA GLY A 101 4.72 -3.19 4.18
C GLY A 101 5.30 -4.09 5.25
N GLU A 102 5.54 -3.53 6.43
CA GLU A 102 6.10 -4.30 7.54
C GLU A 102 5.10 -5.36 8.03
N CYS A 103 3.83 -4.97 8.08
CA CYS A 103 2.78 -5.87 8.54
C CYS A 103 2.60 -7.05 7.59
N ILE A 104 2.47 -6.75 6.30
CA ILE A 104 2.31 -7.76 5.27
C ILE A 104 3.54 -8.67 5.21
N GLY A 105 4.71 -8.08 5.35
CA GLY A 105 5.95 -8.85 5.33
C GLY A 105 6.00 -9.89 6.43
N LYS A 106 5.30 -9.63 7.52
CA LYS A 106 5.23 -10.57 8.63
C LYS A 106 4.17 -11.62 8.35
N ASP A 107 3.06 -11.17 7.81
CA ASP A 107 1.90 -12.02 7.58
C ASP A 107 2.18 -12.99 6.43
N PHE A 108 2.76 -12.47 5.37
CA PHE A 108 3.09 -13.26 4.19
C PHE A 108 4.18 -14.28 4.53
N ALA A 109 5.10 -13.88 5.38
CA ALA A 109 6.20 -14.76 5.78
C ALA A 109 5.69 -15.99 6.50
N GLU A 110 4.99 -15.78 7.61
CA GLU A 110 4.53 -16.89 8.42
C GLU A 110 3.44 -17.71 7.72
N LYS A 111 2.82 -17.13 6.69
CA LYS A 111 1.77 -17.83 5.98
C LYS A 111 2.36 -18.80 4.96
N HIS A 112 3.25 -18.30 4.11
CA HIS A 112 3.74 -19.10 3.02
C HIS A 112 5.22 -19.47 3.17
N LEU A 113 6.05 -18.51 3.60
CA LEU A 113 7.48 -18.76 3.75
C LEU A 113 7.74 -19.72 4.89
N ILE A 114 6.89 -19.64 5.90
CA ILE A 114 6.94 -20.59 6.98
C ILE A 114 6.04 -21.78 6.65
N PRO A 115 6.65 -22.93 6.37
CA PRO A 115 5.92 -24.15 6.02
C PRO A 115 5.30 -24.81 7.25
N LYS A 116 5.39 -24.12 8.36
CA LYS A 116 4.85 -24.60 9.62
C LYS A 116 3.47 -23.98 9.87
N MET A 1 -26.88 38.46 23.93
CA MET A 1 -25.53 38.67 23.36
C MET A 1 -24.85 37.33 23.12
N ALA A 2 -23.93 37.30 22.17
CA ALA A 2 -23.20 36.08 21.85
C ALA A 2 -22.03 35.89 22.80
N HIS A 3 -22.21 35.01 23.78
CA HIS A 3 -21.15 34.72 24.75
C HIS A 3 -20.20 33.68 24.16
N HIS A 4 -18.98 34.11 23.86
CA HIS A 4 -18.00 33.24 23.24
C HIS A 4 -17.08 32.62 24.27
N HIS A 5 -17.36 31.38 24.64
CA HIS A 5 -16.52 30.65 25.58
C HIS A 5 -15.80 29.51 24.86
N HIS A 6 -16.31 29.13 23.70
CA HIS A 6 -15.72 28.06 22.91
C HIS A 6 -14.71 28.62 21.92
N HIS A 7 -13.44 28.60 22.29
CA HIS A 7 -12.39 29.11 21.42
C HIS A 7 -11.48 27.96 20.97
N HIS A 8 -12.07 26.78 20.88
CA HIS A 8 -11.35 25.60 20.43
C HIS A 8 -11.32 25.57 18.91
N VAL A 9 -10.20 26.01 18.34
CA VAL A 9 -10.08 26.15 16.90
C VAL A 9 -9.68 24.84 16.22
N ASP A 10 -10.58 23.87 16.24
CA ASP A 10 -10.36 22.59 15.57
C ASP A 10 -10.90 22.65 14.15
N ASP A 11 -11.34 23.82 13.75
CA ASP A 11 -11.83 24.06 12.40
C ASP A 11 -10.67 24.36 11.46
N ASP A 12 -10.12 23.31 10.84
CA ASP A 12 -8.98 23.46 9.95
C ASP A 12 -9.43 23.48 8.49
N ASP A 13 -10.65 23.01 8.24
CA ASP A 13 -11.18 22.95 6.88
C ASP A 13 -11.60 24.33 6.42
N LYS A 14 -10.78 24.95 5.58
CA LYS A 14 -11.04 26.30 5.09
C LYS A 14 -10.94 26.34 3.57
N MET A 15 -11.27 25.22 2.94
CA MET A 15 -11.20 25.10 1.48
C MET A 15 -12.52 24.62 0.92
N GLU A 16 -13.59 25.35 1.21
CA GLU A 16 -14.91 24.99 0.72
C GLU A 16 -15.05 25.44 -0.72
N ASP A 17 -14.33 26.49 -1.08
CA ASP A 17 -14.26 26.96 -2.45
C ASP A 17 -12.85 26.75 -2.99
N THR A 18 -12.76 26.46 -4.28
CA THR A 18 -11.46 26.22 -4.92
C THR A 18 -10.77 25.03 -4.26
N ALA A 19 -11.39 23.86 -4.37
CA ALA A 19 -10.89 22.67 -3.71
C ALA A 19 -10.37 21.66 -4.72
N ASN A 20 -9.06 21.51 -4.77
CA ASN A 20 -8.42 20.53 -5.63
C ASN A 20 -7.99 19.32 -4.81
N PRO A 21 -8.25 18.11 -5.30
CA PRO A 21 -7.88 16.86 -4.61
C PRO A 21 -6.38 16.57 -4.71
N ASN A 22 -5.58 17.42 -4.09
CA ASN A 22 -4.14 17.21 -4.01
C ASN A 22 -3.83 16.16 -2.95
N GLU A 23 -4.64 16.15 -1.90
CA GLU A 23 -4.52 15.17 -0.85
C GLU A 23 -5.55 14.06 -1.07
N MET A 24 -5.11 12.82 -0.93
CA MET A 24 -5.95 11.68 -1.28
C MET A 24 -6.57 11.09 -0.03
N THR A 25 -7.85 10.76 -0.09
CA THR A 25 -8.58 10.30 1.07
C THR A 25 -8.10 8.95 1.54
N LYS A 26 -8.30 8.64 2.83
CA LYS A 26 -7.81 7.40 3.40
C LYS A 26 -8.30 6.19 2.59
N ASP A 27 -9.55 6.23 2.18
CA ASP A 27 -10.14 5.12 1.45
C ASP A 27 -9.57 5.03 0.04
N ALA A 28 -9.44 6.17 -0.62
CA ALA A 28 -8.92 6.23 -1.98
C ALA A 28 -7.47 5.80 -2.01
N TRP A 29 -6.70 6.25 -1.03
CA TRP A 29 -5.31 5.86 -0.90
C TRP A 29 -5.23 4.36 -0.73
N LEU A 30 -5.99 3.84 0.24
CA LEU A 30 -6.05 2.41 0.50
C LEU A 30 -6.42 1.64 -0.78
N ASN A 31 -7.42 2.16 -1.49
CA ASN A 31 -7.93 1.55 -2.70
C ASN A 31 -6.83 1.43 -3.75
N SER A 32 -6.02 2.46 -3.86
CA SER A 32 -4.96 2.52 -4.86
C SER A 32 -3.68 1.84 -4.39
N MET A 33 -3.47 1.80 -3.09
CA MET A 33 -2.21 1.31 -2.51
C MET A 33 -2.20 -0.19 -2.34
N THR A 34 -3.32 -0.75 -1.91
CA THR A 34 -3.40 -2.16 -1.56
C THR A 34 -2.89 -3.11 -2.66
N PRO A 35 -3.38 -2.99 -3.91
CA PRO A 35 -2.98 -3.93 -4.97
C PRO A 35 -1.60 -3.61 -5.56
N LEU A 36 -1.01 -2.50 -5.13
CA LEU A 36 0.32 -2.13 -5.60
C LEU A 36 1.38 -2.64 -4.62
N LEU A 37 0.93 -3.03 -3.43
CA LEU A 37 1.81 -3.53 -2.39
C LEU A 37 2.41 -4.89 -2.77
N PRO A 38 1.61 -5.86 -3.30
CA PRO A 38 2.11 -7.18 -3.72
C PRO A 38 3.38 -7.08 -4.55
N ASP A 39 3.45 -6.04 -5.37
CA ASP A 39 4.59 -5.78 -6.21
C ASP A 39 5.86 -5.60 -5.38
N LEU A 40 5.82 -4.69 -4.42
CA LEU A 40 6.99 -4.39 -3.60
C LEU A 40 7.26 -5.49 -2.59
N ILE A 41 6.19 -6.12 -2.11
CA ILE A 41 6.32 -7.17 -1.10
C ILE A 41 7.18 -8.33 -1.62
N CYS A 42 6.80 -8.89 -2.76
CA CYS A 42 7.52 -10.03 -3.32
C CYS A 42 8.96 -9.66 -3.60
N LYS A 43 9.17 -8.47 -4.16
CA LYS A 43 10.50 -7.99 -4.49
C LYS A 43 11.37 -7.93 -3.24
N GLY A 44 10.75 -7.58 -2.11
CA GLY A 44 11.47 -7.47 -0.86
C GLY A 44 12.08 -8.80 -0.43
N PHE A 45 11.41 -9.90 -0.76
CA PHE A 45 11.91 -11.22 -0.40
C PHE A 45 12.93 -11.71 -1.42
N ILE A 46 13.03 -11.01 -2.54
CA ILE A 46 13.98 -11.37 -3.57
C ILE A 46 15.25 -10.53 -3.43
N GLN A 47 15.06 -9.23 -3.25
CA GLN A 47 16.16 -8.29 -3.15
C GLN A 47 16.99 -8.54 -1.90
N ASP A 48 16.31 -8.83 -0.80
CA ASP A 48 16.99 -9.05 0.48
C ASP A 48 17.66 -10.43 0.48
N PRO A 49 18.98 -10.46 0.71
CA PRO A 49 19.76 -11.71 0.67
C PRO A 49 19.32 -12.70 1.74
N ASP A 50 18.86 -12.19 2.87
CA ASP A 50 18.40 -13.03 3.96
C ASP A 50 17.06 -13.66 3.62
N LEU A 51 16.21 -12.90 2.96
CA LEU A 51 14.87 -13.36 2.64
C LEU A 51 14.86 -14.23 1.39
N LYS A 52 15.79 -13.97 0.48
CA LYS A 52 15.89 -14.74 -0.74
C LYS A 52 16.16 -16.21 -0.42
N LYS A 53 16.78 -16.43 0.74
CA LYS A 53 17.04 -17.77 1.24
C LYS A 53 15.73 -18.54 1.37
N ARG A 54 14.75 -17.90 2.02
CA ARG A 54 13.45 -18.52 2.25
C ARG A 54 12.68 -18.60 0.95
N PHE A 55 12.78 -17.55 0.16
CA PHE A 55 12.12 -17.46 -1.13
C PHE A 55 12.52 -18.64 -2.02
N ASP A 56 13.80 -18.97 -1.99
CA ASP A 56 14.33 -20.09 -2.75
C ASP A 56 13.88 -21.43 -2.15
N GLU A 57 13.91 -21.51 -0.83
CA GLU A 57 13.52 -22.72 -0.11
C GLU A 57 12.10 -23.15 -0.44
N ILE A 58 11.23 -22.18 -0.70
CA ILE A 58 9.83 -22.46 -0.95
C ILE A 58 9.56 -22.58 -2.45
N LYS A 59 10.60 -22.32 -3.25
CA LYS A 59 10.52 -22.37 -4.71
C LYS A 59 9.44 -21.42 -5.22
N MET A 60 9.41 -20.23 -4.66
CA MET A 60 8.36 -19.28 -4.97
C MET A 60 8.80 -18.31 -6.07
N THR A 61 7.84 -17.85 -6.85
CA THR A 61 8.11 -16.87 -7.89
C THR A 61 7.27 -15.61 -7.68
N TYR A 62 7.66 -14.51 -8.32
CA TYR A 62 6.97 -13.23 -8.14
C TYR A 62 5.46 -13.35 -8.37
N GLU A 63 5.09 -14.00 -9.47
CA GLU A 63 3.68 -14.13 -9.84
C GLU A 63 2.90 -14.90 -8.77
N GLN A 64 3.57 -15.80 -8.08
CA GLN A 64 2.94 -16.58 -7.03
C GLN A 64 2.67 -15.70 -5.81
N CYS A 65 3.61 -14.84 -5.49
CA CYS A 65 3.49 -13.96 -4.33
C CYS A 65 2.26 -13.06 -4.44
N VAL A 66 2.13 -12.38 -5.59
CA VAL A 66 1.13 -11.32 -5.74
C VAL A 66 -0.31 -11.83 -5.67
N THR A 67 -0.51 -13.14 -5.76
CA THR A 67 -1.85 -13.69 -5.64
C THR A 67 -2.14 -14.05 -4.18
N LEU A 68 -1.10 -14.09 -3.36
CA LEU A 68 -1.23 -14.46 -1.95
C LEU A 68 -1.22 -13.23 -1.05
N ILE A 69 -0.82 -12.09 -1.63
CA ILE A 69 -0.68 -10.84 -0.89
C ILE A 69 -2.02 -10.15 -0.59
N PRO A 70 -2.96 -10.06 -1.58
CA PRO A 70 -4.28 -9.41 -1.39
C PRO A 70 -5.03 -9.85 -0.13
N GLU A 71 -4.63 -10.98 0.43
CA GLU A 71 -5.22 -11.46 1.67
C GLU A 71 -4.80 -10.56 2.84
N SER A 72 -3.53 -10.20 2.89
CA SER A 72 -3.01 -9.39 3.99
C SER A 72 -3.25 -7.91 3.74
N THR A 73 -3.40 -7.54 2.47
CA THR A 73 -3.62 -6.14 2.12
C THR A 73 -4.89 -5.62 2.79
N LYS A 74 -5.97 -6.38 2.68
CA LYS A 74 -7.23 -6.00 3.30
C LYS A 74 -7.15 -6.11 4.82
N LYS A 75 -6.38 -7.09 5.29
CA LYS A 75 -6.18 -7.28 6.72
C LYS A 75 -5.51 -6.05 7.33
N CYS A 76 -4.30 -5.79 6.88
CA CYS A 76 -3.52 -4.66 7.37
C CYS A 76 -4.23 -3.34 7.08
N GLN A 77 -5.06 -3.34 6.05
CA GLN A 77 -5.89 -2.19 5.74
C GLN A 77 -6.82 -1.89 6.91
N ASP A 78 -7.63 -2.87 7.30
CA ASP A 78 -8.57 -2.72 8.40
C ASP A 78 -7.84 -2.41 9.70
N GLU A 79 -6.62 -2.90 9.82
CA GLU A 79 -5.79 -2.67 11.00
C GLU A 79 -5.52 -1.19 11.18
N LEU A 80 -4.90 -0.61 10.16
CA LEU A 80 -4.43 0.76 10.23
C LEU A 80 -5.52 1.77 9.89
N TYR A 81 -6.48 1.36 9.08
CA TYR A 81 -7.60 2.22 8.66
C TYR A 81 -8.24 2.94 9.85
N ALA A 82 -8.33 2.26 10.99
CA ALA A 82 -8.93 2.82 12.18
C ALA A 82 -8.10 3.96 12.76
N SER A 83 -6.80 3.91 12.54
CA SER A 83 -5.90 4.93 13.07
C SER A 83 -5.56 5.97 12.00
N MET A 84 -5.89 5.65 10.75
CA MET A 84 -5.65 6.56 9.64
C MET A 84 -6.55 7.78 9.73
N PRO A 85 -6.01 8.97 9.39
CA PRO A 85 -6.79 10.21 9.37
C PRO A 85 -7.73 10.26 8.17
N ASP A 86 -8.55 11.30 8.10
CA ASP A 86 -9.56 11.40 7.04
C ASP A 86 -8.91 11.36 5.66
N LYS A 87 -7.92 12.22 5.47
CA LYS A 87 -7.22 12.28 4.21
C LYS A 87 -5.74 12.03 4.41
N ILE A 88 -5.09 11.58 3.35
CA ILE A 88 -3.71 11.13 3.41
C ILE A 88 -2.83 11.98 2.51
N ASN A 89 -1.90 12.71 3.11
CA ASN A 89 -0.93 13.51 2.36
C ASN A 89 0.23 12.62 1.92
N SER A 90 1.11 13.14 1.06
CA SER A 90 2.21 12.34 0.51
C SER A 90 3.07 11.74 1.63
N GLU A 91 3.44 12.57 2.61
CA GLU A 91 4.21 12.10 3.76
C GLU A 91 3.43 11.06 4.55
N THR A 92 2.14 11.32 4.74
CA THR A 92 1.28 10.44 5.51
C THR A 92 1.13 9.10 4.82
N ALA A 93 1.15 9.14 3.49
CA ALA A 93 1.07 7.95 2.66
C ALA A 93 2.24 7.02 2.95
N GLY A 94 3.43 7.58 3.05
CA GLY A 94 4.61 6.79 3.36
C GLY A 94 4.49 6.12 4.73
N THR A 95 3.89 6.84 5.67
CA THR A 95 3.69 6.34 7.03
C THR A 95 2.89 5.03 7.03
N TRP A 96 1.73 5.07 6.39
CA TRP A 96 0.84 3.92 6.39
C TRP A 96 1.27 2.89 5.35
N GLY A 97 1.87 3.38 4.27
CA GLY A 97 2.34 2.49 3.21
C GLY A 97 3.37 1.49 3.70
N ARG A 98 4.36 1.97 4.45
CA ARG A 98 5.38 1.09 4.99
C ARG A 98 4.77 0.18 6.06
N SER A 99 3.83 0.71 6.83
CA SER A 99 3.16 -0.06 7.87
C SER A 99 2.40 -1.23 7.27
N LEU A 100 1.72 -0.98 6.16
CA LEU A 100 1.06 -2.04 5.41
C LEU A 100 2.10 -3.05 4.93
N GLY A 101 3.17 -2.52 4.33
CA GLY A 101 4.20 -3.37 3.76
C GLY A 101 4.82 -4.33 4.75
N GLU A 102 5.34 -3.80 5.86
CA GLU A 102 5.99 -4.64 6.85
C GLU A 102 5.01 -5.62 7.49
N CYS A 103 3.77 -5.19 7.66
CA CYS A 103 2.72 -6.03 8.22
C CYS A 103 2.45 -7.21 7.28
N ILE A 104 2.16 -6.88 6.03
CA ILE A 104 1.89 -7.88 5.01
C ILE A 104 3.05 -8.84 4.83
N GLY A 105 4.26 -8.29 4.76
CA GLY A 105 5.45 -9.11 4.57
C GLY A 105 5.58 -10.18 5.64
N LYS A 106 5.23 -9.82 6.87
CA LYS A 106 5.31 -10.76 7.98
C LYS A 106 4.22 -11.81 7.88
N ASP A 107 3.04 -11.38 7.45
CA ASP A 107 1.89 -12.26 7.33
C ASP A 107 2.14 -13.25 6.20
N PHE A 108 2.58 -12.71 5.08
CA PHE A 108 2.90 -13.51 3.90
C PHE A 108 3.98 -14.53 4.22
N ALA A 109 4.98 -14.10 4.98
CA ALA A 109 6.07 -14.98 5.38
C ALA A 109 5.53 -16.16 6.20
N GLU A 110 4.83 -15.86 7.28
CA GLU A 110 4.35 -16.89 8.17
C GLU A 110 3.27 -17.75 7.52
N LYS A 111 2.54 -17.18 6.56
CA LYS A 111 1.45 -17.92 5.93
C LYS A 111 1.97 -18.95 4.94
N HIS A 112 2.83 -18.51 4.02
CA HIS A 112 3.25 -19.36 2.93
C HIS A 112 4.72 -19.75 3.02
N LEU A 113 5.58 -18.79 3.37
CA LEU A 113 7.02 -19.05 3.41
C LEU A 113 7.36 -19.94 4.58
N ILE A 114 6.61 -19.80 5.66
CA ILE A 114 6.72 -20.70 6.79
C ILE A 114 5.72 -21.84 6.64
N PRO A 115 6.18 -23.06 6.33
CA PRO A 115 5.31 -24.23 6.15
C PRO A 115 4.84 -24.80 7.48
N LYS A 116 5.25 -24.15 8.56
CA LYS A 116 4.91 -24.58 9.90
C LYS A 116 3.63 -23.90 10.37
N MET A 1 -0.62 -0.03 -28.68
CA MET A 1 0.52 -0.92 -28.95
C MET A 1 0.05 -2.25 -29.49
N ALA A 2 -0.54 -2.23 -30.69
CA ALA A 2 -1.10 -3.41 -31.34
C ALA A 2 -2.34 -3.93 -30.59
N HIS A 3 -3.05 -4.87 -31.22
CA HIS A 3 -4.31 -5.40 -30.68
C HIS A 3 -5.31 -4.28 -30.47
N HIS A 4 -5.88 -3.79 -31.57
CA HIS A 4 -6.80 -2.66 -31.55
C HIS A 4 -6.06 -1.38 -31.12
N HIS A 5 -6.81 -0.34 -30.79
CA HIS A 5 -6.22 0.93 -30.36
C HIS A 5 -5.29 1.51 -31.42
N HIS A 6 -5.83 1.78 -32.59
CA HIS A 6 -5.05 2.39 -33.67
C HIS A 6 -5.75 3.63 -34.20
N HIS A 7 -6.77 4.09 -33.48
CA HIS A 7 -7.46 5.32 -33.84
C HIS A 7 -6.94 6.47 -33.00
N HIS A 8 -6.21 6.11 -31.94
CA HIS A 8 -5.68 7.07 -30.96
C HIS A 8 -6.79 7.63 -30.07
N VAL A 9 -7.92 7.92 -30.68
CA VAL A 9 -9.08 8.40 -29.95
C VAL A 9 -10.07 7.27 -29.67
N ASP A 10 -9.56 6.03 -29.65
CA ASP A 10 -10.37 4.87 -29.32
C ASP A 10 -10.99 5.07 -27.94
N ASP A 11 -10.20 5.64 -27.05
CA ASP A 11 -10.66 6.02 -25.73
C ASP A 11 -10.62 7.54 -25.62
N ASP A 12 -11.66 8.18 -26.11
CA ASP A 12 -11.69 9.63 -26.22
C ASP A 12 -12.12 10.29 -24.91
N ASP A 13 -12.24 9.49 -23.85
CA ASP A 13 -12.55 10.02 -22.53
C ASP A 13 -11.38 10.85 -22.03
N LYS A 14 -11.54 12.15 -22.02
CA LYS A 14 -10.48 13.05 -21.61
C LYS A 14 -10.75 13.54 -20.20
N MET A 15 -9.71 14.04 -19.55
CA MET A 15 -9.83 14.57 -18.19
C MET A 15 -10.19 13.47 -17.19
N GLU A 16 -10.02 12.22 -17.60
CA GLU A 16 -10.32 11.08 -16.73
C GLU A 16 -9.04 10.62 -16.04
N ASP A 17 -7.91 10.87 -16.69
CA ASP A 17 -6.62 10.51 -16.15
C ASP A 17 -6.21 11.50 -15.06
N THR A 18 -5.40 11.05 -14.12
CA THR A 18 -4.95 11.87 -13.00
C THR A 18 -6.14 12.20 -12.11
N ALA A 19 -6.93 11.18 -11.82
CA ALA A 19 -8.15 11.32 -11.04
C ALA A 19 -7.86 11.34 -9.55
N ASN A 20 -7.38 12.47 -9.05
CA ASN A 20 -7.12 12.64 -7.64
C ASN A 20 -7.11 14.13 -7.29
N PRO A 21 -7.62 14.51 -6.12
CA PRO A 21 -7.68 15.91 -5.68
C PRO A 21 -6.38 16.35 -5.00
N ASN A 22 -5.24 15.96 -5.58
CA ASN A 22 -3.92 16.19 -4.98
C ASN A 22 -3.73 15.33 -3.74
N GLU A 23 -4.60 15.51 -2.77
CA GLU A 23 -4.58 14.71 -1.57
C GLU A 23 -5.76 13.76 -1.59
N MET A 24 -5.48 12.50 -1.36
CA MET A 24 -6.48 11.45 -1.46
C MET A 24 -7.01 11.11 -0.08
N THR A 25 -8.17 10.47 -0.02
CA THR A 25 -8.75 10.10 1.24
C THR A 25 -8.18 8.78 1.73
N LYS A 26 -8.35 8.49 3.01
CA LYS A 26 -7.84 7.25 3.58
C LYS A 26 -8.31 6.03 2.78
N ASP A 27 -9.59 6.04 2.41
CA ASP A 27 -10.19 4.90 1.72
C ASP A 27 -9.69 4.82 0.28
N ALA A 28 -9.64 5.95 -0.40
CA ALA A 28 -9.24 5.99 -1.79
C ALA A 28 -7.76 5.69 -1.95
N TRP A 29 -6.97 6.17 -1.00
CA TRP A 29 -5.55 5.87 -0.97
C TRP A 29 -5.35 4.37 -0.85
N LEU A 30 -6.05 3.77 0.11
CA LEU A 30 -5.98 2.33 0.32
C LEU A 30 -6.35 1.58 -0.95
N ASN A 31 -7.43 2.02 -1.60
CA ASN A 31 -7.90 1.40 -2.83
C ASN A 31 -6.80 1.40 -3.90
N SER A 32 -6.07 2.49 -3.97
CA SER A 32 -5.05 2.66 -4.99
C SER A 32 -3.70 2.07 -4.57
N MET A 33 -3.48 2.01 -3.26
CA MET A 33 -2.20 1.59 -2.71
C MET A 33 -2.11 0.07 -2.54
N THR A 34 -3.21 -0.52 -2.13
CA THR A 34 -3.24 -1.95 -1.81
C THR A 34 -2.68 -2.86 -2.92
N PRO A 35 -3.07 -2.67 -4.20
CA PRO A 35 -2.62 -3.56 -5.26
C PRO A 35 -1.22 -3.21 -5.76
N LEU A 36 -0.62 -2.19 -5.16
CA LEU A 36 0.76 -1.83 -5.47
C LEU A 36 1.70 -2.50 -4.48
N LEU A 37 1.12 -2.94 -3.37
CA LEU A 37 1.88 -3.57 -2.31
C LEU A 37 2.44 -4.94 -2.71
N PRO A 38 1.63 -5.82 -3.35
CA PRO A 38 2.10 -7.15 -3.79
C PRO A 38 3.45 -7.12 -4.50
N ASP A 39 3.69 -6.08 -5.29
CA ASP A 39 4.98 -5.91 -5.93
C ASP A 39 6.06 -5.65 -4.88
N LEU A 40 5.89 -4.56 -4.14
CA LEU A 40 6.87 -4.10 -3.17
C LEU A 40 7.17 -5.17 -2.14
N ILE A 41 6.14 -5.90 -1.72
CA ILE A 41 6.31 -6.95 -0.73
C ILE A 41 7.19 -8.08 -1.26
N CYS A 42 6.79 -8.66 -2.39
CA CYS A 42 7.55 -9.76 -2.97
C CYS A 42 8.95 -9.31 -3.34
N LYS A 43 9.05 -8.10 -3.88
CA LYS A 43 10.34 -7.53 -4.21
C LYS A 43 11.23 -7.49 -2.98
N GLY A 44 10.63 -7.17 -1.83
CA GLY A 44 11.37 -7.09 -0.59
C GLY A 44 11.97 -8.42 -0.17
N PHE A 45 11.36 -9.52 -0.60
CA PHE A 45 11.87 -10.84 -0.30
C PHE A 45 12.85 -11.30 -1.37
N ILE A 46 12.78 -10.69 -2.54
CA ILE A 46 13.68 -11.02 -3.64
C ILE A 46 14.96 -10.20 -3.56
N GLN A 47 14.80 -8.92 -3.23
CA GLN A 47 15.93 -7.99 -3.17
C GLN A 47 16.70 -8.14 -1.88
N ASP A 48 16.13 -8.88 -0.94
CA ASP A 48 16.82 -9.19 0.31
C ASP A 48 17.48 -10.54 0.19
N PRO A 49 18.80 -10.60 0.43
CA PRO A 49 19.60 -11.81 0.24
C PRO A 49 19.24 -12.92 1.21
N ASP A 50 19.00 -12.52 2.43
CA ASP A 50 18.63 -13.46 3.49
C ASP A 50 17.24 -14.02 3.25
N LEU A 51 16.34 -13.19 2.78
CA LEU A 51 14.97 -13.61 2.52
C LEU A 51 14.89 -14.43 1.25
N LYS A 52 15.75 -14.12 0.30
CA LYS A 52 15.78 -14.84 -0.97
C LYS A 52 16.09 -16.31 -0.73
N LYS A 53 16.76 -16.59 0.38
CA LYS A 53 17.04 -17.95 0.79
C LYS A 53 15.75 -18.71 1.03
N ARG A 54 14.84 -18.10 1.79
CA ARG A 54 13.59 -18.73 2.15
C ARG A 54 12.68 -18.77 0.92
N PHE A 55 12.78 -17.73 0.11
CA PHE A 55 12.06 -17.63 -1.15
C PHE A 55 12.43 -18.81 -2.05
N ASP A 56 13.71 -19.16 -2.01
CA ASP A 56 14.24 -20.28 -2.78
C ASP A 56 13.79 -21.61 -2.20
N GLU A 57 13.83 -21.71 -0.87
CA GLU A 57 13.44 -22.93 -0.16
C GLU A 57 12.01 -23.34 -0.49
N ILE A 58 11.15 -22.36 -0.73
CA ILE A 58 9.74 -22.64 -0.99
C ILE A 58 9.48 -22.77 -2.49
N LYS A 59 10.50 -22.42 -3.29
CA LYS A 59 10.41 -22.44 -4.75
C LYS A 59 9.30 -21.52 -5.23
N MET A 60 9.09 -20.44 -4.49
CA MET A 60 7.99 -19.53 -4.76
C MET A 60 8.41 -18.48 -5.78
N THR A 61 7.44 -17.94 -6.50
CA THR A 61 7.71 -16.93 -7.52
C THR A 61 7.01 -15.63 -7.21
N TYR A 62 7.40 -14.56 -7.89
CA TYR A 62 6.76 -13.25 -7.74
C TYR A 62 5.26 -13.35 -8.05
N GLU A 63 4.93 -14.11 -9.09
CA GLU A 63 3.54 -14.27 -9.52
C GLU A 63 2.71 -14.97 -8.44
N GLN A 64 3.37 -15.78 -7.64
CA GLN A 64 2.70 -16.44 -6.52
C GLN A 64 2.41 -15.40 -5.44
N CYS A 65 3.40 -14.58 -5.13
CA CYS A 65 3.28 -13.57 -4.10
C CYS A 65 2.09 -12.65 -4.34
N VAL A 66 1.91 -12.21 -5.58
CA VAL A 66 0.89 -11.21 -5.88
C VAL A 66 -0.53 -11.74 -5.73
N THR A 67 -0.69 -13.05 -5.63
CA THR A 67 -2.00 -13.61 -5.35
C THR A 67 -2.18 -13.80 -3.84
N LEU A 68 -1.08 -13.73 -3.11
CA LEU A 68 -1.07 -13.96 -1.67
C LEU A 68 -1.14 -12.65 -0.90
N ILE A 69 -0.54 -11.62 -1.46
CA ILE A 69 -0.45 -10.31 -0.80
C ILE A 69 -1.81 -9.63 -0.65
N PRO A 70 -2.70 -9.65 -1.68
CA PRO A 70 -4.06 -9.09 -1.57
C PRO A 70 -4.83 -9.61 -0.37
N GLU A 71 -4.37 -10.72 0.19
CA GLU A 71 -4.97 -11.28 1.40
C GLU A 71 -4.60 -10.41 2.60
N SER A 72 -3.31 -10.09 2.71
CA SER A 72 -2.81 -9.31 3.82
C SER A 72 -3.11 -7.83 3.63
N THR A 73 -3.19 -7.39 2.37
CA THR A 73 -3.48 -5.99 2.08
C THR A 73 -4.79 -5.59 2.75
N LYS A 74 -5.82 -6.42 2.58
CA LYS A 74 -7.12 -6.15 3.17
C LYS A 74 -7.04 -6.26 4.70
N LYS A 75 -6.28 -7.25 5.17
CA LYS A 75 -6.09 -7.47 6.59
C LYS A 75 -5.46 -6.23 7.25
N CYS A 76 -4.28 -5.87 6.77
CA CYS A 76 -3.54 -4.75 7.33
C CYS A 76 -4.22 -3.42 7.01
N GLN A 77 -5.01 -3.40 5.95
CA GLN A 77 -5.81 -2.23 5.60
C GLN A 77 -6.71 -1.86 6.75
N ASP A 78 -7.56 -2.80 7.16
CA ASP A 78 -8.52 -2.57 8.23
C ASP A 78 -7.81 -2.25 9.54
N GLU A 79 -6.62 -2.81 9.70
CA GLU A 79 -5.83 -2.59 10.91
C GLU A 79 -5.53 -1.12 11.10
N LEU A 80 -4.91 -0.56 10.08
CA LEU A 80 -4.40 0.79 10.14
C LEU A 80 -5.48 1.81 9.78
N TYR A 81 -6.44 1.39 8.95
CA TYR A 81 -7.57 2.23 8.54
C TYR A 81 -8.27 2.85 9.75
N ALA A 82 -8.32 2.09 10.85
CA ALA A 82 -8.96 2.56 12.07
C ALA A 82 -8.16 3.68 12.73
N SER A 83 -6.88 3.79 12.39
CA SER A 83 -6.02 4.80 12.98
C SER A 83 -5.69 5.91 11.97
N MET A 84 -5.79 5.58 10.69
CA MET A 84 -5.49 6.51 9.61
C MET A 84 -6.35 7.76 9.69
N PRO A 85 -5.77 8.92 9.32
CA PRO A 85 -6.50 10.18 9.27
C PRO A 85 -7.52 10.21 8.15
N ASP A 86 -8.35 11.25 8.09
CA ASP A 86 -9.40 11.35 7.06
C ASP A 86 -8.79 11.28 5.68
N LYS A 87 -7.77 12.11 5.45
CA LYS A 87 -7.12 12.15 4.16
C LYS A 87 -5.65 11.75 4.30
N ILE A 88 -5.06 11.42 3.17
CA ILE A 88 -3.70 10.93 3.15
C ILE A 88 -2.83 11.78 2.23
N ASN A 89 -1.93 12.53 2.83
CA ASN A 89 -1.02 13.37 2.07
C ASN A 89 0.16 12.53 1.58
N SER A 90 0.94 13.06 0.64
CA SER A 90 2.05 12.33 0.04
C SER A 90 2.98 11.72 1.10
N GLU A 91 3.36 12.53 2.08
CA GLU A 91 4.22 12.08 3.16
C GLU A 91 3.50 11.06 4.03
N THR A 92 2.21 11.29 4.26
CA THR A 92 1.39 10.42 5.08
C THR A 92 1.28 9.04 4.43
N ALA A 93 1.28 9.04 3.11
CA ALA A 93 1.21 7.82 2.32
C ALA A 93 2.37 6.89 2.65
N GLY A 94 3.57 7.47 2.76
CA GLY A 94 4.75 6.67 3.07
C GLY A 94 4.69 6.10 4.47
N THR A 95 4.07 6.84 5.38
CA THR A 95 3.94 6.40 6.76
C THR A 95 3.13 5.11 6.86
N TRP A 96 1.96 5.10 6.26
CA TRP A 96 1.07 3.94 6.34
C TRP A 96 1.48 2.89 5.32
N GLY A 97 2.11 3.32 4.24
CA GLY A 97 2.59 2.38 3.24
C GLY A 97 3.64 1.44 3.78
N ARG A 98 4.57 1.98 4.57
CA ARG A 98 5.59 1.17 5.20
C ARG A 98 4.97 0.26 6.26
N SER A 99 3.95 0.79 6.95
CA SER A 99 3.27 0.05 8.00
C SER A 99 2.54 -1.15 7.41
N LEU A 100 1.89 -0.94 6.26
CA LEU A 100 1.28 -2.04 5.52
C LEU A 100 2.34 -3.04 5.10
N GLY A 101 3.45 -2.52 4.61
CA GLY A 101 4.53 -3.37 4.13
C GLY A 101 5.09 -4.31 5.18
N GLU A 102 5.42 -3.76 6.34
CA GLU A 102 5.99 -4.56 7.43
C GLU A 102 4.96 -5.53 7.99
N CYS A 103 3.70 -5.11 8.00
CA CYS A 103 2.61 -5.95 8.48
C CYS A 103 2.38 -7.14 7.54
N ILE A 104 2.20 -6.83 6.26
CA ILE A 104 2.01 -7.84 5.23
C ILE A 104 3.19 -8.81 5.18
N GLY A 105 4.39 -8.26 5.31
CA GLY A 105 5.60 -9.08 5.27
C GLY A 105 5.60 -10.18 6.32
N LYS A 106 4.96 -9.92 7.45
CA LYS A 106 4.85 -10.89 8.53
C LYS A 106 3.83 -11.96 8.16
N ASP A 107 2.68 -11.51 7.67
CA ASP A 107 1.58 -12.40 7.37
C ASP A 107 1.89 -13.28 6.17
N PHE A 108 2.51 -12.66 5.17
CA PHE A 108 2.94 -13.37 3.97
C PHE A 108 3.96 -14.46 4.31
N ALA A 109 4.84 -14.15 5.25
CA ALA A 109 5.85 -15.09 5.69
C ALA A 109 5.18 -16.32 6.30
N GLU A 110 4.29 -16.08 7.25
CA GLU A 110 3.57 -17.16 7.91
C GLU A 110 2.72 -17.95 6.91
N LYS A 111 2.28 -17.30 5.84
CA LYS A 111 1.49 -17.96 4.82
C LYS A 111 2.31 -18.98 4.04
N HIS A 112 3.29 -18.50 3.28
CA HIS A 112 3.97 -19.35 2.30
C HIS A 112 5.41 -19.65 2.70
N LEU A 113 6.08 -18.71 3.36
CA LEU A 113 7.49 -18.89 3.70
C LEU A 113 7.65 -19.91 4.82
N ILE A 114 6.67 -19.98 5.70
CA ILE A 114 6.67 -20.96 6.77
C ILE A 114 5.97 -22.24 6.33
N PRO A 115 6.72 -23.34 6.15
CA PRO A 115 6.18 -24.62 5.72
C PRO A 115 5.59 -25.42 6.89
N LYS A 116 5.62 -24.84 8.07
CA LYS A 116 5.14 -25.49 9.28
C LYS A 116 3.69 -25.14 9.55
#